data_3PDC
#
_entry.id   3PDC
#
_cell.length_a   46.523
_cell.length_b   79.902
_cell.length_c   89.318
_cell.angle_alpha   90.000
_cell.angle_beta   90.223
_cell.angle_gamma   90.000
#
_symmetry.space_group_name_H-M   'P 1 21 1'
#
loop_
_entity.id
_entity.type
_entity.pdbx_description
1 polymer 'Epoxide hydrolase 2'
2 non-polymer N-(5-chloro-1,3-benzoxazol-2-yl)-2-cyclopentylacetamide
3 water water
#
_entity_poly.entity_id   1
_entity_poly.type   'polypeptide(L)'
_entity_poly.pdbx_seq_one_letter_code
;MGSSHHHHHHSSGLVPRGSHMAPLPTSCNPSDMSHGYVTVKPRVRLHFVELGSGPAVCLCHGFPESWYSWRYQIPALAQA
GYRVLAMDMKGYGESSAPPEIEEYCMEVLCKEMVTFLDKLGLSQAVFIGHDWGGMLVWYMALFYPERVRAVASLNTPFIP
ANPNMSPLESIKANPVFDYQLYFQEPGVAEAELEQNLSRTFKSLFRASDESVLSMHKVCEAGGLFVNSPEEPSLSRMVTE
EEIQFYVQQFKKSGFRGPLNWYRNMERNWKWACKSLGRKILIPALMVTAEKDFVLVPQMSQHMEDWIPHLKRGHIEDCGH
WTQMDKPTEVNQILIKWLDSDARN
;
_entity_poly.pdbx_strand_id   A,B
#
# COMPACT_ATOMS: atom_id res chain seq x y z
N ALA A 22 -13.05 26.57 -10.16
CA ALA A 22 -11.85 26.03 -10.85
C ALA A 22 -11.19 24.89 -10.08
N PRO A 23 -11.93 23.79 -9.83
CA PRO A 23 -11.38 22.65 -9.09
C PRO A 23 -10.16 22.05 -9.81
N LEU A 24 -9.31 21.34 -9.05
CA LEU A 24 -8.12 20.71 -9.60
C LEU A 24 -8.48 19.75 -10.73
N PRO A 25 -7.78 19.84 -11.88
CA PRO A 25 -8.02 18.99 -13.06
C PRO A 25 -7.62 17.52 -12.88
N THR A 26 -7.87 16.71 -13.91
CA THR A 26 -7.54 15.29 -13.89
C THR A 26 -6.05 15.03 -13.65
N SER A 27 -5.76 14.05 -12.79
CA SER A 27 -4.39 13.70 -12.45
C SER A 27 -3.91 12.40 -13.12
N CYS A 28 -2.81 11.85 -12.61
CA CYS A 28 -2.24 10.61 -13.14
C CYS A 28 -1.98 9.54 -12.08
N ASN A 29 -2.53 8.36 -12.32
CA ASN A 29 -2.35 7.23 -11.42
C ASN A 29 -1.22 6.39 -12.02
N PRO A 30 -0.14 6.15 -11.25
CA PRO A 30 1.05 5.39 -11.64
C PRO A 30 0.84 4.03 -12.33
N SER A 31 0.11 3.12 -11.70
CA SER A 31 -0.16 1.79 -12.27
C SER A 31 -1.09 1.78 -13.50
N ASP A 32 -1.54 2.97 -13.90
CA ASP A 32 -2.42 3.09 -15.04
C ASP A 32 -1.75 3.87 -16.15
N MET A 33 -0.42 3.91 -16.09
CA MET A 33 0.37 4.62 -17.09
C MET A 33 1.17 3.67 -17.96
N SER A 34 1.75 4.21 -19.03
CA SER A 34 2.56 3.44 -19.97
C SER A 34 4.01 3.83 -19.68
N HIS A 35 4.75 2.94 -19.03
CA HIS A 35 6.14 3.22 -18.69
C HIS A 35 7.13 2.77 -19.76
N GLY A 36 7.75 3.75 -20.40
CA GLY A 36 8.73 3.46 -21.43
C GLY A 36 10.13 3.60 -20.86
N TYR A 37 11.08 2.86 -21.41
CA TYR A 37 12.47 2.89 -20.96
C TYR A 37 13.39 2.97 -22.18
N VAL A 38 14.42 3.81 -22.10
CA VAL A 38 15.36 3.97 -23.21
C VAL A 38 16.81 4.18 -22.79
N THR A 39 17.65 3.18 -23.03
CA THR A 39 19.07 3.25 -22.68
C THR A 39 19.71 4.15 -23.75
N VAL A 40 20.53 5.11 -23.33
CA VAL A 40 21.20 6.02 -24.26
C VAL A 40 22.72 5.90 -24.16
N LYS A 41 23.14 5.06 -23.22
CA LYS A 41 24.53 4.76 -22.91
C LYS A 41 24.43 3.43 -22.15
N PRO A 42 25.49 2.61 -22.16
CA PRO A 42 25.41 1.34 -21.45
C PRO A 42 24.96 1.45 -19.99
N ARG A 43 25.53 2.42 -19.27
CA ARG A 43 25.20 2.64 -17.86
C ARG A 43 24.06 3.64 -17.60
N VAL A 44 23.45 4.19 -18.65
CA VAL A 44 22.37 5.15 -18.47
C VAL A 44 21.05 4.83 -19.15
N ARG A 45 20.00 4.65 -18.34
CA ARG A 45 18.68 4.33 -18.85
C ARG A 45 17.63 5.31 -18.32
N LEU A 46 17.13 6.17 -19.20
CA LEU A 46 16.12 7.16 -18.87
C LEU A 46 14.74 6.57 -19.01
N HIS A 47 13.92 6.75 -17.97
CA HIS A 47 12.54 6.26 -17.95
C HIS A 47 11.58 7.41 -18.26
N PHE A 48 10.31 7.08 -18.50
CA PHE A 48 9.31 8.09 -18.80
C PHE A 48 7.92 7.46 -18.87
N VAL A 49 6.91 8.31 -18.88
CA VAL A 49 5.52 7.87 -18.95
C VAL A 49 5.03 8.47 -20.26
N GLU A 50 4.18 7.75 -20.96
CA GLU A 50 3.69 8.23 -22.23
C GLU A 50 2.19 8.12 -22.38
N LEU A 51 1.57 9.20 -22.86
CA LEU A 51 0.11 9.26 -23.06
C LEU A 51 -0.26 10.24 -24.18
N GLY A 52 -1.23 9.87 -25.00
CA GLY A 52 -1.68 10.74 -26.09
C GLY A 52 -1.12 10.47 -27.47
N SER A 53 -1.74 11.09 -28.48
CA SER A 53 -1.31 10.96 -29.86
C SER A 53 -1.15 12.35 -30.47
N GLY A 54 -0.27 12.47 -31.45
CA GLY A 54 -0.03 13.76 -32.08
C GLY A 54 1.39 14.25 -31.83
N PRO A 55 1.71 15.52 -32.17
CA PRO A 55 3.04 16.09 -31.96
C PRO A 55 3.66 15.73 -30.63
N ALA A 56 4.87 15.19 -30.68
CA ALA A 56 5.59 14.79 -29.48
C ALA A 56 5.95 15.98 -28.62
N VAL A 57 5.60 15.88 -27.34
CA VAL A 57 5.88 16.92 -26.39
C VAL A 57 6.54 16.23 -25.21
N CYS A 58 7.80 16.55 -24.98
CA CYS A 58 8.60 15.98 -23.91
C CYS A 58 8.56 16.89 -22.68
N LEU A 59 8.17 16.34 -21.53
CA LEU A 59 8.07 17.10 -20.29
C LEU A 59 9.23 16.77 -19.34
N CYS A 60 9.99 17.79 -18.96
CA CYS A 60 11.11 17.59 -18.05
C CYS A 60 10.95 18.37 -16.75
N HIS A 61 11.01 17.65 -15.63
CA HIS A 61 10.86 18.24 -14.30
C HIS A 61 12.09 19.00 -13.83
N GLY A 62 12.08 19.37 -12.54
CA GLY A 62 13.18 20.09 -11.95
C GLY A 62 13.60 19.37 -10.67
N PHE A 63 14.50 19.97 -9.90
CA PHE A 63 14.99 19.39 -8.65
C PHE A 63 14.18 19.83 -7.42
N PRO A 64 13.73 18.88 -6.58
CA PRO A 64 13.92 17.44 -6.72
C PRO A 64 12.55 16.83 -6.96
N GLU A 65 12.07 16.98 -8.19
CA GLU A 65 10.78 16.47 -8.59
C GLU A 65 10.80 15.05 -9.16
N SER A 66 9.96 14.83 -10.17
CA SER A 66 9.83 13.54 -10.86
C SER A 66 8.83 13.77 -11.98
N TRP A 67 8.51 12.74 -12.74
CA TRP A 67 7.56 12.88 -13.84
C TRP A 67 6.19 13.21 -13.25
N TYR A 68 5.97 12.78 -12.01
CA TYR A 68 4.72 12.99 -11.27
C TYR A 68 4.29 14.45 -11.14
N SER A 69 5.25 15.36 -11.03
CA SER A 69 4.98 16.78 -10.91
C SER A 69 4.24 17.29 -12.14
N TRP A 70 4.11 16.44 -13.16
CA TRP A 70 3.44 16.78 -14.40
C TRP A 70 2.02 16.22 -14.49
N ARG A 71 1.65 15.41 -13.50
CA ARG A 71 0.34 14.77 -13.40
C ARG A 71 -0.92 15.57 -13.77
N TYR A 72 -0.86 16.90 -13.75
CA TYR A 72 -2.03 17.70 -14.09
C TYR A 72 -2.03 18.11 -15.55
N GLN A 73 -0.83 18.39 -16.07
CA GLN A 73 -0.68 18.80 -17.46
C GLN A 73 -0.52 17.61 -18.39
N ILE A 74 -0.17 16.44 -17.85
CA ILE A 74 0.01 15.24 -18.66
C ILE A 74 -1.27 14.83 -19.40
N PRO A 75 -2.36 14.54 -18.67
CA PRO A 75 -3.60 14.14 -19.34
C PRO A 75 -4.25 15.24 -20.16
N ALA A 76 -4.02 16.50 -19.77
CA ALA A 76 -4.59 17.64 -20.48
C ALA A 76 -3.90 17.81 -21.84
N LEU A 77 -2.57 17.74 -21.84
CA LEU A 77 -1.79 17.88 -23.06
C LEU A 77 -2.16 16.76 -24.03
N ALA A 78 -2.39 15.57 -23.50
CA ALA A 78 -2.77 14.43 -24.31
C ALA A 78 -4.14 14.77 -24.90
N GLN A 79 -5.02 15.26 -24.03
CA GLN A 79 -6.39 15.66 -24.35
C GLN A 79 -6.44 16.69 -25.48
N ALA A 80 -5.49 17.64 -25.47
CA ALA A 80 -5.42 18.69 -26.48
C ALA A 80 -4.97 18.22 -27.87
N GLY A 81 -4.50 16.98 -27.96
CA GLY A 81 -4.05 16.42 -29.23
C GLY A 81 -2.54 16.26 -29.38
N TYR A 82 -1.86 16.07 -28.25
CA TYR A 82 -0.42 15.92 -28.25
C TYR A 82 0.05 14.61 -27.62
N ARG A 83 1.22 14.15 -28.07
CA ARG A 83 1.80 12.92 -27.57
C ARG A 83 2.62 13.42 -26.40
N VAL A 84 2.44 12.81 -25.23
CA VAL A 84 3.20 13.26 -24.08
C VAL A 84 4.18 12.27 -23.50
N LEU A 85 5.46 12.65 -23.60
CA LEU A 85 6.58 11.88 -23.09
C LEU A 85 7.02 12.54 -21.79
N ALA A 86 6.46 12.09 -20.67
CA ALA A 86 6.79 12.64 -19.36
C ALA A 86 8.12 12.06 -18.90
N MET A 87 9.18 12.84 -19.01
CA MET A 87 10.53 12.41 -18.61
C MET A 87 10.79 12.23 -17.11
N ASP A 88 11.48 11.14 -16.77
CA ASP A 88 11.79 10.88 -15.38
C ASP A 88 13.27 11.17 -15.22
N MET A 89 13.66 12.37 -15.67
CA MET A 89 15.03 12.91 -15.64
C MET A 89 16.09 12.11 -14.91
N LYS A 90 17.25 12.00 -15.55
CA LYS A 90 18.42 11.27 -15.03
C LYS A 90 18.73 11.52 -13.56
N GLY A 91 18.82 10.43 -12.81
CA GLY A 91 19.12 10.53 -11.39
C GLY A 91 17.86 10.33 -10.57
N TYR A 92 16.72 10.73 -11.12
CA TYR A 92 15.45 10.62 -10.42
C TYR A 92 14.62 9.38 -10.71
N GLY A 93 14.23 8.70 -9.64
CA GLY A 93 13.38 7.53 -9.73
C GLY A 93 13.78 6.31 -10.54
N GLU A 94 12.94 6.00 -11.53
CA GLU A 94 13.12 4.84 -12.41
C GLU A 94 14.38 4.91 -13.24
N SER A 95 14.80 6.13 -13.58
CA SER A 95 15.98 6.35 -14.38
C SER A 95 17.26 6.01 -13.64
N SER A 96 18.30 5.73 -14.43
CA SER A 96 19.61 5.37 -13.91
C SER A 96 20.23 6.52 -13.11
N ALA A 97 21.00 6.17 -12.10
CA ALA A 97 21.64 7.17 -11.27
C ALA A 97 23.11 6.89 -11.05
N PRO A 98 23.96 7.39 -11.95
CA PRO A 98 25.40 7.19 -11.83
C PRO A 98 25.98 8.19 -10.81
N PRO A 99 26.51 7.70 -9.68
CA PRO A 99 27.10 8.49 -8.60
C PRO A 99 28.10 9.55 -8.98
N GLU A 100 28.67 9.44 -10.18
CA GLU A 100 29.65 10.40 -10.65
C GLU A 100 29.02 11.76 -10.97
N ILE A 101 29.64 12.80 -10.41
CA ILE A 101 29.19 14.17 -10.59
C ILE A 101 29.09 14.53 -12.07
N GLU A 102 30.20 14.29 -12.78
CA GLU A 102 30.34 14.56 -14.21
C GLU A 102 29.18 14.06 -15.07
N GLU A 103 28.53 13.00 -14.60
CA GLU A 103 27.40 12.41 -15.32
C GLU A 103 26.16 13.30 -15.28
N TYR A 104 26.29 14.47 -14.67
CA TYR A 104 25.16 15.38 -14.60
C TYR A 104 25.44 16.79 -15.09
N CYS A 105 26.55 16.94 -15.82
CA CYS A 105 26.91 18.26 -16.34
C CYS A 105 25.97 18.44 -17.53
N MET A 106 25.61 19.69 -17.79
CA MET A 106 24.71 20.03 -18.89
C MET A 106 24.96 19.25 -20.18
N GLU A 107 26.19 19.34 -20.68
CA GLU A 107 26.58 18.65 -21.91
C GLU A 107 26.10 17.20 -21.98
N VAL A 108 26.51 16.37 -21.02
CA VAL A 108 26.10 14.97 -21.01
C VAL A 108 24.59 14.80 -21.03
N LEU A 109 23.93 15.43 -20.05
CA LEU A 109 22.46 15.37 -19.93
C LEU A 109 21.72 15.78 -21.20
N CYS A 110 22.21 16.83 -21.86
CA CYS A 110 21.61 17.34 -23.09
C CYS A 110 21.81 16.34 -24.23
N LYS A 111 23.04 15.88 -24.37
CA LYS A 111 23.41 14.91 -25.41
C LYS A 111 22.61 13.62 -25.32
N GLU A 112 22.30 13.20 -24.10
CA GLU A 112 21.54 11.97 -23.88
C GLU A 112 20.09 12.14 -24.33
N MET A 113 19.59 13.39 -24.27
CA MET A 113 18.23 13.69 -24.68
C MET A 113 18.09 13.52 -26.17
N VAL A 114 19.12 13.95 -26.90
CA VAL A 114 19.09 13.82 -28.35
C VAL A 114 19.10 12.33 -28.61
N THR A 115 19.98 11.61 -27.92
CA THR A 115 20.07 10.16 -28.06
C THR A 115 18.70 9.55 -27.75
N PHE A 116 18.00 10.13 -26.77
CA PHE A 116 16.66 9.65 -26.37
C PHE A 116 15.74 9.74 -27.60
N LEU A 117 15.86 10.82 -28.36
CA LEU A 117 15.04 11.03 -29.56
C LEU A 117 15.47 10.07 -30.66
N ASP A 118 16.77 9.80 -30.72
CA ASP A 118 17.33 8.89 -31.72
C ASP A 118 16.65 7.54 -31.58
N LYS A 119 16.83 6.93 -30.40
CA LYS A 119 16.27 5.63 -30.08
C LYS A 119 14.77 5.51 -30.36
N LEU A 120 14.02 6.57 -30.08
CA LEU A 120 12.57 6.55 -30.31
C LEU A 120 12.23 6.88 -31.76
N GLY A 121 13.20 7.43 -32.48
CA GLY A 121 12.98 7.77 -33.87
C GLY A 121 12.08 8.99 -33.99
N LEU A 122 12.47 10.05 -33.30
CA LEU A 122 11.74 11.31 -33.31
C LEU A 122 12.67 12.36 -33.86
N SER A 123 12.34 12.91 -35.02
CA SER A 123 13.20 13.94 -35.61
C SER A 123 13.20 15.21 -34.78
N GLN A 124 12.02 15.55 -34.26
CA GLN A 124 11.87 16.74 -33.45
C GLN A 124 10.92 16.44 -32.31
N ALA A 125 10.85 17.37 -31.36
CA ALA A 125 9.98 17.26 -30.20
C ALA A 125 9.93 18.59 -29.49
N VAL A 126 8.74 18.96 -29.02
CA VAL A 126 8.56 20.21 -28.32
C VAL A 126 9.10 19.92 -26.94
N PHE A 127 9.98 20.78 -26.44
CA PHE A 127 10.57 20.58 -25.11
C PHE A 127 10.11 21.60 -24.06
N ILE A 128 9.37 21.12 -23.07
CA ILE A 128 8.87 21.97 -21.99
C ILE A 128 9.46 21.53 -20.68
N GLY A 129 10.26 22.40 -20.08
CA GLY A 129 10.88 22.05 -18.82
C GLY A 129 10.50 23.01 -17.71
N HIS A 130 11.02 22.71 -16.52
CA HIS A 130 10.76 23.51 -15.33
C HIS A 130 11.92 23.32 -14.39
N ASP A 131 12.35 24.42 -13.79
CA ASP A 131 13.46 24.44 -12.83
C ASP A 131 14.72 23.95 -13.55
N TRP A 132 15.33 22.86 -13.08
CA TRP A 132 16.53 22.34 -13.73
C TRP A 132 16.21 21.88 -15.14
N GLY A 133 15.03 21.26 -15.31
CA GLY A 133 14.61 20.82 -16.63
C GLY A 133 14.36 22.04 -17.52
N GLY A 134 14.18 23.19 -16.89
CA GLY A 134 13.96 24.44 -17.61
C GLY A 134 15.27 24.87 -18.21
N MET A 135 16.34 24.71 -17.42
CA MET A 135 17.69 25.05 -17.86
C MET A 135 17.99 24.08 -19.01
N LEU A 136 17.69 22.82 -18.77
CA LEU A 136 17.90 21.74 -19.71
C LEU A 136 17.30 22.02 -21.09
N VAL A 137 15.99 22.25 -21.15
CA VAL A 137 15.31 22.53 -22.41
C VAL A 137 15.74 23.82 -23.11
N TRP A 138 16.40 24.72 -22.38
CA TRP A 138 16.84 25.96 -22.99
C TRP A 138 18.08 25.69 -23.83
N TYR A 139 19.00 24.91 -23.27
CA TYR A 139 20.22 24.57 -23.96
C TYR A 139 19.92 23.59 -25.09
N MET A 140 18.86 22.81 -24.93
CA MET A 140 18.45 21.85 -25.94
C MET A 140 17.86 22.61 -27.12
N ALA A 141 17.66 23.91 -26.95
CA ALA A 141 17.09 24.77 -28.00
C ALA A 141 18.23 25.59 -28.60
N LEU A 142 19.28 25.80 -27.82
CA LEU A 142 20.46 26.56 -28.20
C LEU A 142 21.39 25.75 -29.13
N PHE A 143 21.81 24.59 -28.66
CA PHE A 143 22.70 23.70 -29.39
C PHE A 143 22.09 22.63 -30.31
N TYR A 144 20.78 22.39 -30.20
CA TYR A 144 20.13 21.38 -31.04
C TYR A 144 18.78 21.76 -31.66
N PRO A 145 18.69 22.94 -32.31
CA PRO A 145 17.44 23.41 -32.92
C PRO A 145 16.72 22.42 -33.83
N GLU A 146 17.49 21.68 -34.64
CA GLU A 146 16.86 20.72 -35.54
C GLU A 146 16.04 19.70 -34.76
N ARG A 147 16.42 19.51 -33.50
CA ARG A 147 15.72 18.56 -32.64
C ARG A 147 14.55 19.11 -31.81
N VAL A 148 14.46 20.43 -31.64
CA VAL A 148 13.38 21.04 -30.88
C VAL A 148 12.38 21.84 -31.72
N ARG A 149 11.12 21.42 -31.71
CA ARG A 149 10.06 22.08 -32.47
C ARG A 149 9.72 23.46 -31.93
N ALA A 150 9.52 23.53 -30.61
CA ALA A 150 9.19 24.77 -29.90
C ALA A 150 9.61 24.52 -28.46
N VAL A 151 10.22 25.52 -27.83
CA VAL A 151 10.66 25.37 -26.44
C VAL A 151 9.90 26.25 -25.43
N ALA A 152 9.57 25.66 -24.28
CA ALA A 152 8.84 26.36 -23.22
C ALA A 152 9.44 26.06 -21.86
N SER A 153 9.66 27.11 -21.07
CA SER A 153 10.23 26.96 -19.73
C SER A 153 9.38 27.56 -18.62
N LEU A 154 9.30 26.84 -17.51
CA LEU A 154 8.52 27.29 -16.36
C LEU A 154 9.51 27.80 -15.32
N ASN A 155 9.35 29.08 -14.96
CA ASN A 155 10.19 29.77 -13.98
C ASN A 155 11.63 30.06 -14.37
N THR A 156 12.33 29.07 -14.93
CA THR A 156 13.71 29.25 -15.34
C THR A 156 13.85 30.08 -16.60
N PRO A 157 14.45 31.27 -16.49
CA PRO A 157 14.66 32.19 -17.62
C PRO A 157 15.90 31.78 -18.42
N PHE A 158 16.13 32.41 -19.57
CA PHE A 158 17.29 32.08 -20.35
C PHE A 158 18.37 33.16 -20.29
N ILE A 159 19.38 32.91 -19.47
CA ILE A 159 20.48 33.84 -19.29
C ILE A 159 21.73 33.28 -19.98
N PRO A 160 22.20 33.97 -21.02
CA PRO A 160 23.39 33.56 -21.78
C PRO A 160 24.64 33.76 -20.94
N ALA A 161 25.33 32.66 -20.65
CA ALA A 161 26.54 32.71 -19.85
C ALA A 161 27.50 33.80 -20.32
N ASN A 162 27.97 34.61 -19.38
CA ASN A 162 28.90 35.70 -19.69
C ASN A 162 30.32 35.17 -19.59
N PRO A 163 31.16 35.48 -20.60
CA PRO A 163 32.55 35.04 -20.65
C PRO A 163 33.39 35.60 -19.49
N ASN A 164 33.25 36.90 -19.25
CA ASN A 164 33.97 37.61 -18.20
C ASN A 164 33.61 37.28 -16.74
N MET A 165 32.36 36.88 -16.51
CA MET A 165 31.92 36.55 -15.15
C MET A 165 31.58 35.08 -14.94
N SER A 166 32.30 34.46 -14.02
CA SER A 166 32.11 33.04 -13.67
C SER A 166 31.10 32.87 -12.55
N PRO A 167 30.51 31.66 -12.42
CA PRO A 167 29.52 31.34 -11.40
C PRO A 167 30.02 31.64 -9.99
N LEU A 168 31.33 31.84 -9.85
CA LEU A 168 31.95 32.14 -8.56
C LEU A 168 31.33 33.37 -7.92
N GLU A 169 31.54 34.52 -8.55
CA GLU A 169 31.02 35.79 -8.05
C GLU A 169 29.58 36.12 -8.49
N SER A 170 28.88 35.11 -9.02
CA SER A 170 27.50 35.30 -9.48
C SER A 170 26.55 34.65 -8.48
N ILE A 171 26.90 33.43 -8.08
CA ILE A 171 26.10 32.68 -7.11
C ILE A 171 26.38 33.26 -5.72
N LYS A 172 27.37 34.14 -5.66
CA LYS A 172 27.76 34.80 -4.41
C LYS A 172 27.37 36.27 -4.45
N ALA A 173 26.62 36.63 -5.50
CA ALA A 173 26.16 38.00 -5.69
C ALA A 173 24.78 38.07 -5.04
N ASN A 174 23.92 37.11 -5.40
CA ASN A 174 22.56 37.04 -4.87
C ASN A 174 22.53 36.15 -3.63
N PRO A 175 22.06 36.70 -2.50
CA PRO A 175 21.92 36.08 -1.17
C PRO A 175 21.16 34.76 -1.08
N VAL A 176 20.19 34.55 -1.97
CA VAL A 176 19.39 33.32 -1.95
C VAL A 176 20.19 32.11 -2.39
N PHE A 177 21.04 32.29 -3.40
CA PHE A 177 21.86 31.21 -3.94
C PHE A 177 22.88 30.54 -3.01
N ASP A 178 22.97 30.99 -1.76
CA ASP A 178 23.91 30.39 -0.83
C ASP A 178 23.56 28.92 -0.57
N TYR A 179 22.30 28.55 -0.82
CA TYR A 179 21.88 27.17 -0.61
C TYR A 179 22.61 26.26 -1.59
N GLN A 180 22.95 26.80 -2.76
CA GLN A 180 23.65 26.04 -3.78
C GLN A 180 25.09 25.73 -3.37
N LEU A 181 25.76 26.69 -2.74
CA LEU A 181 27.13 26.48 -2.30
C LEU A 181 27.09 25.37 -1.25
N TYR A 182 25.97 25.31 -0.55
CA TYR A 182 25.72 24.31 0.49
C TYR A 182 25.54 22.94 -0.16
N PHE A 183 25.05 22.95 -1.41
CA PHE A 183 24.82 21.73 -2.18
C PHE A 183 26.11 21.15 -2.77
N GLN A 184 27.04 22.04 -3.16
CA GLN A 184 28.32 21.64 -3.74
C GLN A 184 29.00 20.48 -3.03
N GLU A 185 29.21 20.62 -1.72
CA GLU A 185 29.85 19.57 -0.95
C GLU A 185 29.05 18.27 -1.05
N PRO A 186 29.66 17.22 -1.63
CA PRO A 186 29.03 15.90 -1.80
C PRO A 186 28.71 15.18 -0.50
N GLY A 187 27.47 14.72 -0.37
CA GLY A 187 27.06 14.00 0.81
C GLY A 187 26.48 14.81 1.96
N VAL A 188 26.87 16.08 2.08
CA VAL A 188 26.37 16.95 3.13
C VAL A 188 24.86 17.15 3.04
N ALA A 189 24.39 17.75 1.95
CA ALA A 189 22.97 17.99 1.76
C ALA A 189 22.19 16.68 1.57
N GLU A 190 22.89 15.61 1.25
CA GLU A 190 22.25 14.31 1.06
C GLU A 190 21.75 13.71 2.35
N ALA A 191 22.63 13.66 3.35
CA ALA A 191 22.29 13.11 4.66
C ALA A 191 21.03 13.76 5.23
N GLU A 192 20.91 15.06 5.03
CA GLU A 192 19.76 15.82 5.52
C GLU A 192 18.52 15.51 4.70
N LEU A 193 18.64 15.73 3.39
CA LEU A 193 17.54 15.48 2.44
C LEU A 193 17.01 14.05 2.44
N GLU A 194 17.87 13.10 2.83
CA GLU A 194 17.51 11.68 2.88
C GLU A 194 17.04 11.24 4.26
N GLN A 195 17.42 12.03 5.27
CA GLN A 195 17.09 11.80 6.69
C GLN A 195 15.62 11.51 6.98
N ASN A 196 14.73 12.32 6.39
CA ASN A 196 13.28 12.17 6.57
C ASN A 196 12.67 12.58 5.23
N LEU A 197 12.21 11.60 4.47
CA LEU A 197 11.61 11.91 3.17
C LEU A 197 10.20 12.49 3.27
N SER A 198 9.47 12.08 4.30
CA SER A 198 8.10 12.56 4.51
C SER A 198 8.22 14.05 4.85
N ARG A 199 9.12 14.35 5.79
CA ARG A 199 9.35 15.72 6.22
C ARG A 199 9.95 16.53 5.07
N THR A 200 11.09 16.08 4.54
CA THR A 200 11.78 16.75 3.45
C THR A 200 10.88 17.18 2.30
N PHE A 201 9.99 16.30 1.89
CA PHE A 201 9.07 16.61 0.80
C PHE A 201 7.84 17.40 1.23
N LYS A 202 7.40 17.22 2.48
CA LYS A 202 6.24 17.92 3.00
C LYS A 202 6.67 19.36 3.26
N SER A 203 7.92 19.51 3.66
CA SER A 203 8.51 20.81 3.95
C SER A 203 8.76 21.59 2.66
N LEU A 204 9.13 20.86 1.60
CA LEU A 204 9.40 21.49 0.32
C LEU A 204 8.16 21.87 -0.49
N PHE A 205 7.36 20.87 -0.86
CA PHE A 205 6.15 21.11 -1.64
C PHE A 205 5.14 21.93 -0.87
N ARG A 206 5.24 23.25 -0.98
CA ARG A 206 4.33 24.17 -0.29
C ARG A 206 4.17 25.46 -1.08
N ALA A 207 2.99 26.07 -0.94
CA ALA A 207 2.71 27.32 -1.63
C ALA A 207 3.59 28.35 -0.90
N SER A 208 3.85 29.48 -1.54
CA SER A 208 4.67 30.53 -0.93
C SER A 208 4.19 30.97 0.46
N ASP A 209 2.90 31.28 0.59
CA ASP A 209 2.36 31.71 1.86
C ASP A 209 2.50 30.66 2.97
N GLU A 210 2.78 29.41 2.59
CA GLU A 210 2.93 28.32 3.56
C GLU A 210 4.38 27.89 3.78
N SER A 211 5.33 28.71 3.33
CA SER A 211 6.77 28.41 3.46
C SER A 211 7.22 27.95 4.84
N VAL A 212 8.51 27.65 4.96
CA VAL A 212 9.16 27.20 6.18
C VAL A 212 10.67 27.30 5.97
N LEU A 213 11.08 27.12 4.72
CA LEU A 213 12.50 27.17 4.33
C LEU A 213 13.13 28.55 4.34
N SER A 214 14.24 28.65 5.08
CA SER A 214 14.99 29.87 5.20
C SER A 214 16.14 29.92 4.21
N MET A 215 15.82 30.26 2.95
CA MET A 215 16.82 30.35 1.90
C MET A 215 17.45 31.74 2.09
N HIS A 216 18.06 31.91 3.25
CA HIS A 216 18.70 33.15 3.65
C HIS A 216 20.18 32.83 3.85
N LYS A 217 20.42 32.08 4.92
CA LYS A 217 21.75 31.64 5.32
C LYS A 217 21.62 30.15 5.64
N VAL A 218 21.65 29.34 4.58
CA VAL A 218 21.54 27.90 4.72
C VAL A 218 22.82 27.26 5.27
N CYS A 219 23.97 27.88 4.96
CA CYS A 219 25.26 27.38 5.42
C CYS A 219 25.53 27.73 6.88
N GLU A 220 25.15 28.94 7.27
CA GLU A 220 25.36 29.40 8.63
C GLU A 220 24.42 28.65 9.57
N ALA A 221 23.24 28.32 9.05
CA ALA A 221 22.23 27.60 9.80
C ALA A 221 22.63 26.13 9.99
N GLY A 222 23.50 25.64 9.11
CA GLY A 222 23.94 24.26 9.21
C GLY A 222 22.87 23.31 8.68
N GLY A 223 22.30 23.68 7.54
CA GLY A 223 21.27 22.87 6.93
C GLY A 223 20.17 23.73 6.33
N LEU A 224 19.25 23.08 5.62
CA LEU A 224 18.13 23.77 4.98
C LEU A 224 16.82 23.51 5.72
N PHE A 225 16.87 22.60 6.71
CA PHE A 225 15.69 22.25 7.51
C PHE A 225 15.86 22.51 9.00
N VAL A 226 17.09 22.82 9.41
CA VAL A 226 17.39 23.10 10.82
C VAL A 226 16.44 24.11 11.45
N ASN A 227 15.99 25.06 10.64
CA ASN A 227 15.07 26.10 11.08
C ASN A 227 13.66 25.81 10.54
N SER A 228 13.13 24.64 10.90
CA SER A 228 11.79 24.24 10.45
C SER A 228 11.17 23.18 11.37
N PRO A 229 9.83 23.06 11.33
CA PRO A 229 9.11 22.09 12.16
C PRO A 229 9.44 20.63 11.80
N GLU A 230 9.60 19.79 12.83
CA GLU A 230 9.92 18.37 12.64
C GLU A 230 8.78 17.64 11.94
N GLU A 231 7.57 18.16 12.09
CA GLU A 231 6.39 17.56 11.50
C GLU A 231 5.53 18.59 10.77
N PRO A 232 6.06 19.20 9.71
CA PRO A 232 5.30 20.21 8.96
C PRO A 232 3.94 19.66 8.53
N SER A 233 3.00 20.57 8.31
CA SER A 233 1.66 20.18 7.90
C SER A 233 1.61 19.82 6.42
N LEU A 234 0.46 19.30 6.00
CA LEU A 234 0.25 18.90 4.61
C LEU A 234 -0.22 20.09 3.78
N SER A 235 0.68 20.63 2.95
CA SER A 235 0.36 21.76 2.09
C SER A 235 -0.99 21.62 1.39
N ARG A 236 -1.65 22.74 1.12
CA ARG A 236 -2.97 22.71 0.45
C ARG A 236 -2.85 22.23 -1.00
N MET A 237 -1.62 22.22 -1.52
CA MET A 237 -1.36 21.79 -2.90
C MET A 237 -1.32 20.28 -3.07
N VAL A 238 -0.61 19.60 -2.16
CA VAL A 238 -0.49 18.15 -2.22
C VAL A 238 -1.16 17.33 -1.12
N THR A 239 -1.55 16.09 -1.47
CA THR A 239 -2.20 15.19 -0.53
C THR A 239 -1.12 14.34 0.13
N GLU A 240 -1.52 13.48 1.06
CA GLU A 240 -0.58 12.62 1.77
C GLU A 240 -0.02 11.56 0.81
N GLU A 241 -0.90 11.00 0.00
CA GLU A 241 -0.56 9.99 -0.98
C GLU A 241 0.50 10.47 -1.96
N GLU A 242 0.31 11.68 -2.49
CA GLU A 242 1.24 12.25 -3.44
C GLU A 242 2.62 12.39 -2.80
N ILE A 243 2.65 12.76 -1.53
CA ILE A 243 3.92 12.92 -0.81
C ILE A 243 4.54 11.53 -0.63
N GLN A 244 3.70 10.53 -0.41
CA GLN A 244 4.20 9.17 -0.23
C GLN A 244 4.79 8.63 -1.53
N PHE A 245 4.31 9.13 -2.67
CA PHE A 245 4.80 8.67 -3.96
C PHE A 245 6.24 9.19 -4.13
N TYR A 246 6.43 10.49 -3.86
CA TYR A 246 7.75 11.10 -3.98
C TYR A 246 8.69 10.53 -2.93
N VAL A 247 8.15 9.90 -1.91
CA VAL A 247 8.97 9.31 -0.85
C VAL A 247 9.53 7.98 -1.32
N GLN A 248 8.66 7.14 -1.88
CA GLN A 248 9.07 5.84 -2.36
C GLN A 248 9.98 5.99 -3.58
N GLN A 249 9.80 7.08 -4.31
CA GLN A 249 10.60 7.35 -5.50
C GLN A 249 12.07 7.57 -5.16
N PHE A 250 12.33 8.38 -4.14
CA PHE A 250 13.70 8.67 -3.75
C PHE A 250 14.32 7.63 -2.80
N LYS A 251 13.59 6.54 -2.59
CA LYS A 251 14.08 5.46 -1.72
C LYS A 251 15.03 4.57 -2.50
N LYS A 252 15.15 4.82 -3.79
CA LYS A 252 16.02 4.04 -4.67
C LYS A 252 17.37 4.75 -4.81
N SER A 253 17.44 5.66 -5.77
CA SER A 253 18.64 6.43 -6.04
C SER A 253 19.04 7.35 -4.89
N GLY A 254 18.04 7.95 -4.26
CA GLY A 254 18.31 8.87 -3.17
C GLY A 254 18.44 10.28 -3.74
N PHE A 255 19.40 11.05 -3.22
CA PHE A 255 19.59 12.41 -3.68
C PHE A 255 20.92 12.75 -4.36
N ARG A 256 21.94 11.91 -4.20
CA ARG A 256 23.23 12.20 -4.83
C ARG A 256 23.15 12.58 -6.31
N GLY A 257 22.30 11.84 -7.04
CA GLY A 257 22.14 12.12 -8.45
C GLY A 257 21.50 13.47 -8.66
N PRO A 258 20.28 13.66 -8.14
CA PRO A 258 19.50 14.89 -8.24
C PRO A 258 20.30 16.12 -7.82
N LEU A 259 21.14 15.95 -6.80
CA LEU A 259 21.97 17.04 -6.30
C LEU A 259 23.19 17.31 -7.19
N ASN A 260 23.67 16.28 -7.88
CA ASN A 260 24.82 16.41 -8.76
C ASN A 260 24.62 17.44 -9.87
N TRP A 261 23.37 17.69 -10.27
CA TRP A 261 23.09 18.67 -11.33
C TRP A 261 23.72 20.00 -10.97
N TYR A 262 23.65 20.34 -9.69
CA TYR A 262 24.18 21.58 -9.13
C TYR A 262 25.71 21.62 -9.04
N ARG A 263 26.32 20.44 -9.01
CA ARG A 263 27.78 20.29 -8.89
C ARG A 263 28.69 20.41 -10.11
N ASN A 264 28.15 20.74 -11.28
CA ASN A 264 28.97 20.87 -12.50
C ASN A 264 28.98 22.29 -13.05
N MET A 265 29.13 23.29 -12.18
CA MET A 265 29.15 24.67 -12.64
C MET A 265 30.27 25.12 -13.56
N GLU A 266 31.49 24.67 -13.31
CA GLU A 266 32.62 25.05 -14.16
C GLU A 266 32.38 24.55 -15.58
N ARG A 267 31.99 23.29 -15.71
CA ARG A 267 31.73 22.70 -17.00
C ARG A 267 30.60 23.40 -17.76
N ASN A 268 29.46 23.55 -17.09
CA ASN A 268 28.28 24.20 -17.69
C ASN A 268 28.59 25.61 -18.13
N TRP A 269 29.59 26.22 -17.49
CA TRP A 269 29.99 27.58 -17.82
C TRP A 269 30.74 27.59 -19.14
N LYS A 270 31.83 26.84 -19.19
CA LYS A 270 32.65 26.74 -20.40
C LYS A 270 31.84 26.24 -21.58
N TRP A 271 31.11 25.16 -21.38
CA TRP A 271 30.29 24.59 -22.44
C TRP A 271 29.31 25.61 -23.03
N ALA A 272 28.77 26.47 -22.18
CA ALA A 272 27.82 27.49 -22.60
C ALA A 272 28.49 28.67 -23.31
N CYS A 273 29.79 28.82 -23.10
CA CYS A 273 30.52 29.91 -23.73
C CYS A 273 30.75 29.53 -25.20
N LYS A 274 30.68 28.24 -25.49
CA LYS A 274 30.87 27.73 -26.85
C LYS A 274 29.59 27.93 -27.65
N SER A 275 29.21 29.19 -27.84
CA SER A 275 28.01 29.54 -28.59
C SER A 275 27.86 31.05 -28.68
N LEU A 276 28.50 31.75 -27.74
CA LEU A 276 28.49 33.22 -27.64
C LEU A 276 27.34 33.97 -28.32
N GLY A 277 27.61 34.56 -29.48
CA GLY A 277 26.60 35.32 -30.19
C GLY A 277 25.46 34.55 -30.83
N ARG A 278 25.10 33.42 -30.23
CA ARG A 278 24.03 32.57 -30.73
C ARG A 278 22.72 32.93 -30.06
N LYS A 279 21.62 32.82 -30.81
CA LYS A 279 20.28 33.13 -30.30
C LYS A 279 19.27 32.01 -30.58
N ILE A 280 18.31 31.83 -29.68
CA ILE A 280 17.28 30.80 -29.84
C ILE A 280 16.29 31.39 -30.84
N LEU A 281 16.18 30.76 -32.02
CA LEU A 281 15.27 31.27 -33.03
C LEU A 281 13.98 30.48 -33.23
N ILE A 282 13.80 29.44 -32.43
CA ILE A 282 12.59 28.62 -32.54
C ILE A 282 11.52 29.19 -31.60
N PRO A 283 10.23 28.90 -31.87
CA PRO A 283 9.14 29.40 -31.01
C PRO A 283 9.40 29.09 -29.54
N ALA A 284 9.60 30.13 -28.74
CA ALA A 284 9.85 29.99 -27.31
C ALA A 284 8.82 30.69 -26.44
N LEU A 285 8.56 30.10 -25.29
CA LEU A 285 7.60 30.63 -24.32
C LEU A 285 8.16 30.54 -22.91
N MET A 286 8.26 31.70 -22.24
CA MET A 286 8.77 31.77 -20.86
C MET A 286 7.60 32.04 -19.92
N VAL A 287 7.44 31.16 -18.94
CA VAL A 287 6.36 31.28 -17.96
C VAL A 287 6.87 31.70 -16.58
N THR A 288 6.66 32.96 -16.24
CA THR A 288 7.09 33.50 -14.96
C THR A 288 6.04 33.29 -13.88
N ALA A 289 6.48 32.92 -12.68
CA ALA A 289 5.58 32.68 -11.53
C ALA A 289 5.82 33.72 -10.45
N GLU A 290 4.92 34.71 -10.37
CA GLU A 290 4.98 35.82 -9.40
C GLU A 290 5.57 35.57 -8.00
N LYS A 291 5.06 34.57 -7.29
CA LYS A 291 5.53 34.27 -5.94
C LYS A 291 6.77 33.40 -5.74
N ASP A 292 7.44 33.05 -6.84
CA ASP A 292 8.66 32.22 -6.77
C ASP A 292 9.81 33.14 -6.36
N PHE A 293 10.40 32.86 -5.20
CA PHE A 293 11.51 33.67 -4.68
C PHE A 293 12.91 33.27 -5.15
N VAL A 294 13.10 32.02 -5.55
CA VAL A 294 14.42 31.58 -6.00
C VAL A 294 14.56 31.96 -7.48
N LEU A 295 13.50 31.72 -8.25
CA LEU A 295 13.45 32.03 -9.67
C LEU A 295 12.43 33.14 -9.88
N VAL A 296 12.81 34.34 -9.44
CA VAL A 296 11.97 35.52 -9.56
C VAL A 296 11.73 35.90 -11.02
N PRO A 297 10.49 36.23 -11.37
CA PRO A 297 10.07 36.63 -12.72
C PRO A 297 10.87 37.75 -13.37
N GLN A 298 11.63 38.50 -12.57
CA GLN A 298 12.41 39.59 -13.13
C GLN A 298 13.75 39.14 -13.73
N MET A 299 14.11 37.87 -13.51
CA MET A 299 15.36 37.34 -14.04
C MET A 299 15.23 37.16 -15.55
N SER A 300 13.99 36.97 -16.01
CA SER A 300 13.69 36.78 -17.42
C SER A 300 13.48 38.07 -18.18
N GLN A 301 13.53 39.20 -17.48
CA GLN A 301 13.34 40.51 -18.08
C GLN A 301 13.89 40.76 -19.49
N HIS A 302 15.20 40.59 -19.67
CA HIS A 302 15.80 40.82 -20.98
C HIS A 302 15.88 39.66 -21.98
N MET A 303 15.17 38.58 -21.69
CA MET A 303 15.15 37.41 -22.58
C MET A 303 14.75 37.76 -24.01
N GLU A 304 13.82 38.71 -24.16
CA GLU A 304 13.33 39.15 -25.46
C GLU A 304 14.43 39.37 -26.51
N ASP A 305 15.59 39.82 -26.06
CA ASP A 305 16.73 40.07 -26.94
C ASP A 305 17.26 38.80 -27.63
N TRP A 306 17.79 37.86 -26.84
CA TRP A 306 18.33 36.60 -27.35
C TRP A 306 17.30 35.69 -28.02
N ILE A 307 16.02 35.95 -27.77
CA ILE A 307 14.94 35.14 -28.35
C ILE A 307 13.90 36.02 -29.05
N PRO A 308 14.17 36.42 -30.32
CA PRO A 308 13.29 37.26 -31.13
C PRO A 308 11.92 36.65 -31.38
N HIS A 309 11.80 35.36 -31.09
CA HIS A 309 10.54 34.66 -31.27
C HIS A 309 10.03 34.22 -29.91
N LEU A 310 9.97 35.16 -28.98
CA LEU A 310 9.49 34.87 -27.63
C LEU A 310 8.09 35.36 -27.33
N LYS A 311 7.33 34.49 -26.67
CA LYS A 311 5.97 34.76 -26.27
C LYS A 311 6.00 34.62 -24.75
N ARG A 312 5.26 35.48 -24.05
CA ARG A 312 5.25 35.41 -22.60
C ARG A 312 4.05 34.79 -21.91
N GLY A 313 4.31 34.37 -20.67
CA GLY A 313 3.31 33.78 -19.83
C GLY A 313 3.64 34.19 -18.41
N HIS A 314 2.62 34.35 -17.59
CA HIS A 314 2.79 34.74 -16.19
C HIS A 314 1.61 34.23 -15.40
N ILE A 315 1.91 33.61 -14.25
CA ILE A 315 0.87 33.07 -13.37
C ILE A 315 0.89 33.74 -12.00
N GLU A 316 -0.24 34.39 -11.68
CA GLU A 316 -0.42 35.08 -10.42
C GLU A 316 -0.64 34.12 -9.27
N ASP A 317 -0.09 34.48 -8.10
CA ASP A 317 -0.20 33.67 -6.89
C ASP A 317 0.44 32.29 -7.02
N CYS A 318 1.41 32.19 -7.91
CA CYS A 318 2.10 30.93 -8.14
C CYS A 318 3.47 30.88 -7.52
N GLY A 319 3.71 29.83 -6.74
CA GLY A 319 5.01 29.66 -6.10
C GLY A 319 5.98 28.95 -7.04
N HIS A 320 7.03 28.35 -6.46
CA HIS A 320 8.03 27.64 -7.25
C HIS A 320 7.56 26.35 -7.92
N TRP A 321 6.75 25.58 -7.20
CA TRP A 321 6.22 24.30 -7.69
C TRP A 321 5.05 24.52 -8.64
N THR A 322 5.28 25.40 -9.61
CA THR A 322 4.33 25.80 -10.64
C THR A 322 3.20 24.88 -11.07
N GLN A 323 3.48 23.60 -11.30
CA GLN A 323 2.45 22.66 -11.71
C GLN A 323 1.46 22.25 -10.61
N MET A 324 1.99 22.00 -9.41
CA MET A 324 1.15 21.61 -8.28
C MET A 324 0.35 22.81 -7.77
N ASP A 325 1.01 23.96 -7.75
CA ASP A 325 0.42 25.22 -7.30
C ASP A 325 -0.79 25.69 -8.10
N LYS A 326 -0.59 25.97 -9.39
CA LYS A 326 -1.67 26.44 -10.24
C LYS A 326 -1.90 25.61 -11.49
N PRO A 327 -2.18 24.30 -11.33
CA PRO A 327 -2.42 23.38 -12.44
C PRO A 327 -3.39 23.83 -13.53
N THR A 328 -4.49 24.49 -13.16
CA THR A 328 -5.45 24.94 -14.18
C THR A 328 -4.92 26.10 -15.02
N GLU A 329 -4.08 26.93 -14.41
CA GLU A 329 -3.51 28.06 -15.13
C GLU A 329 -2.48 27.55 -16.14
N VAL A 330 -1.53 26.76 -15.66
CA VAL A 330 -0.47 26.18 -16.48
C VAL A 330 -1.00 25.48 -17.72
N ASN A 331 -2.00 24.63 -17.54
CA ASN A 331 -2.59 23.91 -18.66
C ASN A 331 -3.29 24.83 -19.64
N GLN A 332 -3.73 25.98 -19.16
CA GLN A 332 -4.42 26.92 -20.03
C GLN A 332 -3.38 27.62 -20.92
N ILE A 333 -2.29 28.06 -20.32
CA ILE A 333 -1.22 28.74 -21.04
C ILE A 333 -0.48 27.79 -22.00
N LEU A 334 -0.06 26.63 -21.48
CA LEU A 334 0.64 25.64 -22.29
C LEU A 334 -0.14 25.25 -23.53
N ILE A 335 -1.35 24.73 -23.35
CA ILE A 335 -2.20 24.33 -24.47
C ILE A 335 -2.42 25.43 -25.52
N LYS A 336 -2.77 26.62 -25.06
CA LYS A 336 -3.01 27.76 -25.95
C LYS A 336 -1.78 28.10 -26.80
N TRP A 337 -0.61 27.97 -26.20
CA TRP A 337 0.65 28.25 -26.89
C TRP A 337 1.06 27.13 -27.87
N LEU A 338 0.84 25.87 -27.49
CA LEU A 338 1.20 24.76 -28.36
C LEU A 338 0.39 24.81 -29.64
N ASP A 339 -0.92 24.91 -29.52
CA ASP A 339 -1.81 24.97 -30.68
C ASP A 339 -1.54 26.07 -31.69
N SER A 340 -0.83 27.12 -31.31
CA SER A 340 -0.57 28.20 -32.24
C SER A 340 0.88 28.24 -32.75
N ASP A 341 1.84 28.19 -31.83
CA ASP A 341 3.25 28.23 -32.20
C ASP A 341 3.92 26.88 -32.46
N ALA A 342 3.68 25.91 -31.59
CA ALA A 342 4.25 24.57 -31.74
C ALA A 342 3.58 23.75 -32.82
N ARG A 343 2.34 23.35 -32.59
CA ARG A 343 1.53 22.56 -33.51
C ARG A 343 1.77 22.87 -35.00
N ASN A 344 2.10 24.12 -35.29
CA ASN A 344 2.37 24.60 -36.65
C ASN A 344 1.07 24.89 -37.41
N ALA B 22 -7.14 -44.76 3.05
CA ALA B 22 -7.75 -43.80 4.01
C ALA B 22 -8.75 -42.86 3.33
N PRO B 23 -9.82 -43.42 2.71
CA PRO B 23 -10.83 -42.59 2.03
C PRO B 23 -11.50 -41.62 3.00
N LEU B 24 -12.08 -40.55 2.46
CA LEU B 24 -12.75 -39.54 3.27
C LEU B 24 -13.89 -40.18 4.09
N PRO B 25 -13.96 -39.88 5.40
CA PRO B 25 -15.00 -40.40 6.30
C PRO B 25 -16.42 -39.87 6.05
N THR B 26 -17.36 -40.38 6.84
CA THR B 26 -18.77 -39.98 6.72
C THR B 26 -18.96 -38.47 6.92
N SER B 27 -19.80 -37.87 6.08
CA SER B 27 -20.07 -36.45 6.14
C SER B 27 -21.45 -36.10 6.73
N CYS B 28 -21.90 -34.87 6.51
CA CYS B 28 -23.19 -34.41 7.02
C CYS B 28 -24.08 -33.77 5.97
N ASN B 29 -25.30 -34.30 5.84
CA ASN B 29 -26.27 -33.79 4.88
C ASN B 29 -27.17 -32.85 5.69
N PRO B 30 -27.28 -31.57 5.27
CA PRO B 30 -28.08 -30.51 5.89
C PRO B 30 -29.52 -30.83 6.30
N SER B 31 -30.34 -31.29 5.35
CA SER B 31 -31.74 -31.62 5.63
C SER B 31 -31.96 -32.88 6.48
N ASP B 32 -30.86 -33.52 6.88
CA ASP B 32 -30.94 -34.71 7.70
C ASP B 32 -30.31 -34.47 9.06
N MET B 33 -30.25 -33.20 9.43
CA MET B 33 -29.69 -32.79 10.71
C MET B 33 -30.76 -32.24 11.65
N SER B 34 -30.37 -32.05 12.91
CA SER B 34 -31.27 -31.52 13.94
C SER B 34 -30.81 -30.08 14.16
N HIS B 35 -31.58 -29.13 13.65
CA HIS B 35 -31.24 -27.71 13.80
C HIS B 35 -31.81 -27.06 15.07
N GLY B 36 -30.93 -26.76 16.01
CA GLY B 36 -31.36 -26.11 17.24
C GLY B 36 -31.11 -24.62 17.16
N TYR B 37 -31.92 -23.84 17.88
CA TYR B 37 -31.80 -22.38 17.89
C TYR B 37 -31.88 -21.89 19.33
N VAL B 38 -31.05 -20.92 19.69
CA VAL B 38 -31.04 -20.39 21.05
C VAL B 38 -30.75 -18.89 21.14
N THR B 39 -31.75 -18.11 21.50
CA THR B 39 -31.60 -16.66 21.62
C THR B 39 -30.86 -16.45 22.95
N VAL B 40 -29.86 -15.58 22.95
CA VAL B 40 -29.07 -15.29 24.16
C VAL B 40 -29.15 -13.81 24.52
N LYS B 41 -29.85 -13.07 23.66
CA LYS B 41 -30.08 -11.64 23.76
C LYS B 41 -31.25 -11.43 22.84
N PRO B 42 -32.05 -10.38 23.05
CA PRO B 42 -33.20 -10.15 22.18
C PRO B 42 -32.88 -10.13 20.68
N ARG B 43 -31.80 -9.44 20.32
CA ARG B 43 -31.37 -9.33 18.93
C ARG B 43 -30.37 -10.38 18.47
N VAL B 44 -29.99 -11.31 19.33
CA VAL B 44 -29.03 -12.34 18.96
C VAL B 44 -29.48 -13.79 19.14
N ARG B 45 -29.55 -14.53 18.03
CA ARG B 45 -29.97 -15.93 18.06
C ARG B 45 -28.94 -16.83 17.37
N LEU B 46 -28.24 -17.62 18.18
CA LEU B 46 -27.22 -18.54 17.69
C LEU B 46 -27.83 -19.87 17.30
N HIS B 47 -27.51 -20.33 16.09
CA HIS B 47 -28.00 -21.61 15.56
C HIS B 47 -26.93 -22.67 15.70
N PHE B 48 -27.31 -23.93 15.49
CA PHE B 48 -26.38 -25.04 15.59
C PHE B 48 -27.03 -26.33 15.13
N VAL B 49 -26.20 -27.35 14.95
CA VAL B 49 -26.66 -28.67 14.52
C VAL B 49 -26.27 -29.56 15.67
N GLU B 50 -27.10 -30.55 15.97
CA GLU B 50 -26.84 -31.44 17.08
C GLU B 50 -26.98 -32.90 16.74
N LEU B 51 -26.00 -33.71 17.15
CA LEU B 51 -26.00 -35.15 16.89
C LEU B 51 -25.22 -35.91 17.96
N GLY B 52 -25.73 -37.07 18.37
CA GLY B 52 -25.04 -37.87 19.36
C GLY B 52 -25.53 -37.77 20.80
N SER B 53 -25.06 -38.68 21.65
CA SER B 53 -25.42 -38.69 23.07
C SER B 53 -24.13 -38.79 23.90
N GLY B 54 -24.15 -38.28 25.13
CA GLY B 54 -22.96 -38.33 25.98
C GLY B 54 -22.42 -36.94 26.25
N PRO B 55 -21.21 -36.82 26.84
CA PRO B 55 -20.59 -35.53 27.15
C PRO B 55 -20.73 -34.50 26.03
N ALA B 56 -21.23 -33.33 26.39
CA ALA B 56 -21.44 -32.26 25.43
C ALA B 56 -20.13 -31.73 24.88
N VAL B 57 -20.06 -31.66 23.56
CA VAL B 57 -18.88 -31.17 22.87
C VAL B 57 -19.37 -30.13 21.88
N CYS B 58 -19.00 -28.88 22.12
CA CYS B 58 -19.39 -27.75 21.27
C CYS B 58 -18.29 -27.48 20.24
N LEU B 59 -18.66 -27.46 18.95
CA LEU B 59 -17.71 -27.22 17.87
C LEU B 59 -17.88 -25.83 17.30
N CYS B 60 -16.80 -25.05 17.31
CA CYS B 60 -16.84 -23.69 16.78
C CYS B 60 -15.88 -23.50 15.63
N HIS B 61 -16.41 -23.03 14.49
CA HIS B 61 -15.62 -22.81 13.30
C HIS B 61 -14.78 -21.55 13.34
N GLY B 62 -14.24 -21.18 12.18
CA GLY B 62 -13.43 -19.98 12.08
C GLY B 62 -13.93 -19.16 10.91
N PHE B 63 -13.20 -18.10 10.55
CA PHE B 63 -13.57 -17.23 9.43
C PHE B 63 -12.94 -17.63 8.09
N PRO B 64 -13.77 -17.74 7.02
CA PRO B 64 -15.21 -17.53 7.01
C PRO B 64 -15.87 -18.86 6.73
N GLU B 65 -15.92 -19.69 7.75
CA GLU B 65 -16.50 -21.01 7.65
C GLU B 65 -18.00 -21.09 8.00
N SER B 66 -18.39 -22.19 8.65
CA SER B 66 -19.77 -22.44 9.06
C SER B 66 -19.73 -23.75 9.85
N TRP B 67 -20.88 -24.22 10.31
CA TRP B 67 -20.91 -25.47 11.06
C TRP B 67 -20.52 -26.62 10.12
N TYR B 68 -20.77 -26.41 8.83
CA TYR B 68 -20.48 -27.38 7.77
C TYR B 68 -19.02 -27.85 7.73
N SER B 69 -18.09 -26.95 8.04
CA SER B 69 -16.66 -27.26 8.05
C SER B 69 -16.34 -28.38 9.06
N TRP B 70 -17.35 -28.77 9.84
CA TRP B 70 -17.22 -29.81 10.85
C TRP B 70 -17.80 -31.14 10.40
N ARG B 71 -18.46 -31.13 9.26
CA ARG B 71 -19.09 -32.31 8.67
C ARG B 71 -18.39 -33.67 8.73
N TYR B 72 -17.07 -33.69 8.91
CA TYR B 72 -16.34 -34.96 8.98
C TYR B 72 -16.15 -35.43 10.41
N GLN B 73 -15.95 -34.47 11.31
CA GLN B 73 -15.75 -34.78 12.72
C GLN B 73 -17.07 -34.82 13.48
N ILE B 74 -18.12 -34.27 12.89
CA ILE B 74 -19.43 -34.26 13.56
C ILE B 74 -19.96 -35.68 13.80
N PRO B 75 -20.16 -36.48 12.72
CA PRO B 75 -20.67 -37.83 12.91
C PRO B 75 -19.72 -38.78 13.62
N ALA B 76 -18.43 -38.52 13.52
CA ALA B 76 -17.41 -39.35 14.16
C ALA B 76 -17.43 -39.12 15.67
N LEU B 77 -17.51 -37.85 16.07
CA LEU B 77 -17.53 -37.48 17.49
C LEU B 77 -18.79 -38.08 18.13
N ALA B 78 -19.89 -38.06 17.39
CA ALA B 78 -21.14 -38.61 17.89
C ALA B 78 -20.90 -40.10 18.05
N GLN B 79 -20.30 -40.69 17.02
CA GLN B 79 -19.99 -42.12 16.96
C GLN B 79 -19.12 -42.58 18.14
N ALA B 80 -18.18 -41.74 18.56
CA ALA B 80 -17.30 -42.06 19.69
C ALA B 80 -17.98 -42.01 21.06
N GLY B 81 -19.21 -41.52 21.11
CA GLY B 81 -19.95 -41.44 22.36
C GLY B 81 -20.09 -40.05 22.97
N TYR B 82 -20.11 -39.04 22.10
CA TYR B 82 -20.23 -37.66 22.53
C TYR B 82 -21.42 -36.94 21.91
N ARG B 83 -21.92 -35.95 22.64
CA ARG B 83 -23.05 -35.17 22.16
C ARG B 83 -22.37 -34.06 21.38
N VAL B 84 -22.80 -33.84 20.15
CA VAL B 84 -22.17 -32.80 19.37
C VAL B 84 -23.03 -31.62 18.98
N LEU B 85 -22.64 -30.46 19.53
CA LEU B 85 -23.32 -29.20 19.30
C LEU B 85 -22.46 -28.41 18.30
N ALA B 86 -22.75 -28.58 17.01
CA ALA B 86 -22.00 -27.89 15.96
C ALA B 86 -22.49 -26.44 15.86
N MET B 87 -21.72 -25.52 16.42
CA MET B 87 -22.05 -24.09 16.41
C MET B 87 -22.01 -23.37 15.06
N ASP B 88 -23.03 -22.56 14.79
CA ASP B 88 -23.07 -21.82 13.54
C ASP B 88 -22.72 -20.38 13.90
N MET B 89 -21.59 -20.23 14.61
CA MET B 89 -21.04 -18.94 15.08
C MET B 89 -21.70 -17.64 14.62
N LYS B 90 -21.90 -16.75 15.58
CA LYS B 90 -22.51 -15.43 15.36
C LYS B 90 -22.04 -14.70 14.11
N GLY B 91 -23.00 -14.29 13.29
CA GLY B 91 -22.69 -13.60 12.06
C GLY B 91 -22.79 -14.52 10.88
N TYR B 92 -22.48 -15.79 11.08
CA TYR B 92 -22.50 -16.78 10.01
C TYR B 92 -23.78 -17.59 9.84
N GLY B 93 -24.30 -17.59 8.62
CA GLY B 93 -25.48 -18.35 8.26
C GLY B 93 -26.81 -18.15 8.98
N GLU B 94 -27.29 -19.24 9.59
CA GLU B 94 -28.55 -19.26 10.31
C GLU B 94 -28.60 -18.33 11.52
N SER B 95 -27.43 -18.10 12.11
CA SER B 95 -27.31 -17.23 13.27
C SER B 95 -27.52 -15.77 12.94
N SER B 96 -27.90 -15.00 13.96
CA SER B 96 -28.16 -13.57 13.83
C SER B 96 -26.89 -12.82 13.46
N ALA B 97 -27.06 -11.76 12.69
CA ALA B 97 -25.94 -10.96 12.25
C ALA B 97 -26.16 -9.47 12.47
N PRO B 98 -25.80 -8.98 13.66
CA PRO B 98 -25.96 -7.55 13.97
C PRO B 98 -24.81 -6.75 13.34
N PRO B 99 -25.11 -5.88 12.37
CA PRO B 99 -24.16 -5.03 11.65
C PRO B 99 -23.15 -4.25 12.49
N GLU B 100 -23.44 -4.09 13.77
CA GLU B 100 -22.55 -3.35 14.65
C GLU B 100 -21.26 -4.13 14.93
N ILE B 101 -20.14 -3.44 14.76
CA ILE B 101 -18.82 -4.01 14.97
C ILE B 101 -18.69 -4.58 16.37
N GLU B 102 -19.02 -3.73 17.36
CA GLU B 102 -18.97 -4.05 18.79
C GLU B 102 -19.62 -5.37 19.17
N GLU B 103 -20.59 -5.80 18.37
CA GLU B 103 -21.31 -7.06 18.60
C GLU B 103 -20.44 -8.27 18.30
N TYR B 104 -19.18 -8.04 17.94
CA TYR B 104 -18.29 -9.14 17.63
C TYR B 104 -16.97 -9.12 18.38
N CYS B 105 -16.91 -8.30 19.42
CA CYS B 105 -15.70 -8.20 20.23
C CYS B 105 -15.70 -9.47 21.07
N MET B 106 -14.52 -9.96 21.39
CA MET B 106 -14.36 -11.18 22.18
C MET B 106 -15.32 -11.29 23.36
N GLU B 107 -15.31 -10.28 24.23
CA GLU B 107 -16.17 -10.23 25.41
C GLU B 107 -17.63 -10.62 25.14
N VAL B 108 -18.27 -9.91 24.24
CA VAL B 108 -19.67 -10.20 23.90
C VAL B 108 -19.86 -11.63 23.42
N LEU B 109 -19.10 -12.00 22.38
CA LEU B 109 -19.16 -13.34 21.80
C LEU B 109 -18.97 -14.45 22.82
N CYS B 110 -18.01 -14.27 23.72
CA CYS B 110 -17.72 -15.25 24.77
C CYS B 110 -18.87 -15.35 25.76
N LYS B 111 -19.34 -14.19 26.22
CA LYS B 111 -20.43 -14.10 27.18
C LYS B 111 -21.70 -14.75 26.66
N GLU B 112 -21.95 -14.65 25.36
CA GLU B 112 -23.14 -15.23 24.74
C GLU B 112 -23.06 -16.76 24.74
N MET B 113 -21.84 -17.29 24.69
CA MET B 113 -21.62 -18.73 24.68
C MET B 113 -22.01 -19.31 26.03
N VAL B 114 -21.68 -18.59 27.10
CA VAL B 114 -22.02 -19.04 28.44
C VAL B 114 -23.54 -19.04 28.46
N THR B 115 -24.14 -17.94 28.02
CA THR B 115 -25.59 -17.80 27.98
C THR B 115 -26.17 -18.96 27.15
N PHE B 116 -25.45 -19.37 26.10
CA PHE B 116 -25.88 -20.47 25.23
C PHE B 116 -26.00 -21.73 26.09
N LEU B 117 -25.04 -21.93 27.00
CA LEU B 117 -25.03 -23.08 27.91
C LEU B 117 -26.15 -22.96 28.94
N ASP B 118 -26.41 -21.72 29.37
CA ASP B 118 -27.44 -21.44 30.35
C ASP B 118 -28.77 -21.95 29.81
N LYS B 119 -29.18 -21.39 28.68
CA LYS B 119 -30.42 -21.74 28.01
C LYS B 119 -30.62 -23.24 27.79
N LEU B 120 -29.54 -23.95 27.45
CA LEU B 120 -29.61 -25.39 27.21
C LEU B 120 -29.51 -26.19 28.51
N GLY B 121 -29.05 -25.51 29.57
CA GLY B 121 -28.92 -26.18 30.85
C GLY B 121 -27.76 -27.14 30.87
N LEU B 122 -26.59 -26.62 30.49
CA LEU B 122 -25.37 -27.40 30.44
C LEU B 122 -24.39 -26.73 31.39
N SER B 123 -24.03 -27.43 32.45
CA SER B 123 -23.09 -26.88 33.43
C SER B 123 -21.71 -26.72 32.83
N GLN B 124 -21.32 -27.69 32.01
CA GLN B 124 -20.03 -27.66 31.37
C GLN B 124 -20.15 -28.19 29.96
N ALA B 125 -19.09 -28.02 29.19
CA ALA B 125 -19.07 -28.47 27.80
C ALA B 125 -17.64 -28.39 27.30
N VAL B 126 -17.24 -29.39 26.54
CA VAL B 126 -15.89 -29.42 25.99
C VAL B 126 -15.95 -28.47 24.80
N PHE B 127 -15.00 -27.54 24.76
CA PHE B 127 -14.97 -26.56 23.67
C PHE B 127 -13.82 -26.74 22.69
N ILE B 128 -14.16 -27.08 21.45
CA ILE B 128 -13.16 -27.29 20.41
C ILE B 128 -13.41 -26.29 19.31
N GLY B 129 -12.44 -25.41 19.10
CA GLY B 129 -12.56 -24.40 18.07
C GLY B 129 -11.46 -24.48 17.04
N HIS B 130 -11.57 -23.62 16.04
CA HIS B 130 -10.60 -23.56 14.96
C HIS B 130 -10.61 -22.14 14.39
N ASP B 131 -9.41 -21.61 14.13
CA ASP B 131 -9.25 -20.27 13.59
C ASP B 131 -9.82 -19.26 14.58
N TRP B 132 -10.84 -18.48 14.18
CA TRP B 132 -11.43 -17.51 15.10
C TRP B 132 -12.10 -18.22 16.26
N GLY B 133 -12.76 -19.34 15.97
CA GLY B 133 -13.39 -20.13 17.03
C GLY B 133 -12.32 -20.72 17.94
N GLY B 134 -11.09 -20.76 17.45
CA GLY B 134 -9.99 -21.27 18.25
C GLY B 134 -9.63 -20.23 19.28
N MET B 135 -9.66 -18.96 18.84
CA MET B 135 -9.35 -17.85 19.72
C MET B 135 -10.47 -17.86 20.76
N LEU B 136 -11.69 -17.98 20.25
CA LEU B 136 -12.91 -18.01 21.06
C LEU B 136 -12.84 -19.02 22.19
N VAL B 137 -12.65 -20.29 21.87
CA VAL B 137 -12.58 -21.34 22.90
C VAL B 137 -11.40 -21.21 23.85
N TRP B 138 -10.39 -20.44 23.49
CA TRP B 138 -9.24 -20.28 24.38
C TRP B 138 -9.62 -19.34 25.53
N TYR B 139 -10.30 -18.26 25.19
CA TYR B 139 -10.72 -17.29 26.19
C TYR B 139 -11.86 -17.85 27.02
N MET B 140 -12.62 -18.77 26.41
CA MET B 140 -13.74 -19.41 27.09
C MET B 140 -13.18 -20.37 28.14
N ALA B 141 -11.87 -20.60 28.09
CA ALA B 141 -11.20 -21.50 29.03
C ALA B 141 -10.46 -20.66 30.06
N LEU B 142 -10.13 -19.43 29.68
CA LEU B 142 -9.41 -18.49 30.52
C LEU B 142 -10.32 -17.82 31.56
N PHE B 143 -11.41 -17.23 31.06
CA PHE B 143 -12.37 -16.54 31.92
C PHE B 143 -13.57 -17.34 32.45
N TYR B 144 -13.83 -18.52 31.89
CA TYR B 144 -14.96 -19.35 32.33
C TYR B 144 -14.68 -20.85 32.56
N PRO B 145 -13.61 -21.20 33.29
CA PRO B 145 -13.26 -22.60 33.56
C PRO B 145 -14.38 -23.51 34.06
N GLU B 146 -15.25 -23.00 34.95
CA GLU B 146 -16.35 -23.81 35.46
C GLU B 146 -17.25 -24.26 34.33
N ARG B 147 -17.22 -23.52 33.23
CA ARG B 147 -18.04 -23.85 32.07
C ARG B 147 -17.40 -24.73 31.01
N VAL B 148 -16.07 -24.86 31.02
CA VAL B 148 -15.36 -25.69 30.05
C VAL B 148 -14.71 -26.94 30.65
N ARG B 149 -15.14 -28.11 30.18
CA ARG B 149 -14.63 -29.39 30.65
C ARG B 149 -13.17 -29.63 30.22
N ALA B 150 -12.92 -29.41 28.93
CA ALA B 150 -11.61 -29.58 28.33
C ALA B 150 -11.60 -28.72 27.06
N VAL B 151 -10.50 -28.03 26.81
CA VAL B 151 -10.42 -27.18 25.64
C VAL B 151 -9.43 -27.64 24.56
N ALA B 152 -9.84 -27.55 23.30
CA ALA B 152 -9.00 -27.96 22.18
C ALA B 152 -9.09 -26.96 21.02
N SER B 153 -7.92 -26.56 20.52
CA SER B 153 -7.86 -25.61 19.41
C SER B 153 -7.12 -26.12 18.18
N LEU B 154 -7.66 -25.81 17.01
CA LEU B 154 -7.04 -26.23 15.75
C LEU B 154 -6.38 -25.00 15.15
N ASN B 155 -5.07 -25.11 14.95
CA ASN B 155 -4.23 -24.06 14.38
C ASN B 155 -3.96 -22.84 15.25
N THR B 156 -5.01 -22.27 15.84
CA THR B 156 -4.87 -21.10 16.70
C THR B 156 -4.25 -21.41 18.05
N PRO B 157 -3.04 -20.89 18.29
CA PRO B 157 -2.30 -21.10 19.54
C PRO B 157 -2.81 -20.14 20.62
N PHE B 158 -2.34 -20.31 21.86
CA PHE B 158 -2.78 -19.42 22.92
C PHE B 158 -1.70 -18.45 23.35
N ILE B 159 -1.80 -17.22 22.86
CA ILE B 159 -0.84 -16.17 23.18
C ILE B 159 -1.48 -15.17 24.12
N PRO B 160 -0.96 -15.08 25.36
CA PRO B 160 -1.45 -14.17 26.38
C PRO B 160 -1.11 -12.72 26.01
N ALA B 161 -2.14 -11.91 25.79
CA ALA B 161 -1.96 -10.51 25.42
C ALA B 161 -0.93 -9.83 26.33
N ASN B 162 0.02 -9.13 25.71
CA ASN B 162 1.06 -8.42 26.44
C ASN B 162 0.58 -7.00 26.73
N PRO B 163 0.74 -6.55 27.98
CA PRO B 163 0.33 -5.20 28.39
C PRO B 163 1.06 -4.09 27.65
N ASN B 164 2.38 -4.22 27.56
CA ASN B 164 3.25 -3.25 26.89
C ASN B 164 3.14 -3.13 25.38
N MET B 165 2.77 -4.22 24.71
CA MET B 165 2.63 -4.20 23.25
C MET B 165 1.22 -4.38 22.73
N SER B 166 0.75 -3.38 22.01
CA SER B 166 -0.58 -3.36 21.44
C SER B 166 -0.60 -3.97 20.04
N PRO B 167 -1.79 -4.41 19.57
CA PRO B 167 -1.97 -5.01 18.23
C PRO B 167 -1.45 -4.12 17.10
N LEU B 168 -1.21 -2.84 17.42
CA LEU B 168 -0.71 -1.88 16.44
C LEU B 168 0.60 -2.35 15.82
N GLU B 169 1.64 -2.41 16.64
CA GLU B 169 2.96 -2.84 16.19
C GLU B 169 3.19 -4.35 16.18
N SER B 170 2.11 -5.11 16.34
CA SER B 170 2.20 -6.57 16.35
C SER B 170 1.69 -7.13 15.03
N ILE B 171 0.57 -6.61 14.59
CA ILE B 171 -0.05 -7.01 13.33
C ILE B 171 0.75 -6.36 12.19
N LYS B 172 1.65 -5.45 12.56
CA LYS B 172 2.49 -4.75 11.61
C LYS B 172 3.94 -5.21 11.74
N ALA B 173 4.12 -6.26 12.54
CA ALA B 173 5.44 -6.86 12.77
C ALA B 173 5.58 -7.97 11.73
N ASN B 174 4.57 -8.84 11.68
CA ASN B 174 4.56 -9.96 10.72
C ASN B 174 3.87 -9.55 9.43
N PRO B 175 4.58 -9.68 8.29
CA PRO B 175 4.16 -9.36 6.92
C PRO B 175 2.86 -9.99 6.41
N VAL B 176 2.50 -11.16 6.91
CA VAL B 176 1.27 -11.84 6.47
C VAL B 176 0.01 -11.15 6.97
N PHE B 177 0.06 -10.66 8.20
CA PHE B 177 -1.08 -9.98 8.81
C PHE B 177 -1.58 -8.69 8.17
N ASP B 178 -0.94 -8.25 7.09
CA ASP B 178 -1.37 -7.03 6.42
C ASP B 178 -2.80 -7.19 5.87
N TYR B 179 -3.22 -8.44 5.65
CA TYR B 179 -4.56 -8.70 5.13
C TYR B 179 -5.61 -8.24 6.14
N GLN B 180 -5.25 -8.32 7.42
CA GLN B 180 -6.14 -7.92 8.49
C GLN B 180 -6.35 -6.41 8.52
N LEU B 181 -5.29 -5.64 8.26
CA LEU B 181 -5.40 -4.18 8.26
C LEU B 181 -6.33 -3.82 7.10
N TYR B 182 -6.33 -4.68 6.10
CA TYR B 182 -7.15 -4.53 4.91
C TYR B 182 -8.61 -4.81 5.28
N PHE B 183 -8.79 -5.66 6.29
CA PHE B 183 -10.12 -6.04 6.77
C PHE B 183 -10.76 -4.97 7.65
N GLN B 184 -9.94 -4.25 8.43
CA GLN B 184 -10.40 -3.19 9.32
C GLN B 184 -11.43 -2.25 8.69
N GLU B 185 -11.09 -1.66 7.55
CA GLU B 185 -12.00 -0.75 6.87
C GLU B 185 -13.31 -1.46 6.54
N PRO B 186 -14.43 -0.99 7.12
CA PRO B 186 -15.75 -1.57 6.90
C PRO B 186 -16.28 -1.41 5.47
N GLY B 187 -16.73 -2.53 4.90
CA GLY B 187 -17.27 -2.51 3.56
C GLY B 187 -16.30 -2.77 2.43
N VAL B 188 -15.02 -2.43 2.62
CA VAL B 188 -14.01 -2.64 1.58
C VAL B 188 -13.87 -4.12 1.22
N ALA B 189 -13.43 -4.93 2.19
CA ALA B 189 -13.25 -6.36 1.98
C ALA B 189 -14.59 -7.08 1.71
N GLU B 190 -15.69 -6.44 2.08
CA GLU B 190 -17.01 -7.03 1.88
C GLU B 190 -17.40 -7.06 0.41
N ALA B 191 -17.30 -5.92 -0.25
CA ALA B 191 -17.64 -5.80 -1.67
C ALA B 191 -16.93 -6.87 -2.51
N GLU B 192 -15.67 -7.11 -2.19
CA GLU B 192 -14.85 -8.11 -2.89
C GLU B 192 -15.31 -9.51 -2.54
N LEU B 193 -15.29 -9.83 -1.24
CA LEU B 193 -15.70 -11.15 -0.74
C LEU B 193 -17.12 -11.55 -1.11
N GLU B 194 -17.99 -10.56 -1.33
CA GLU B 194 -19.39 -10.80 -1.69
C GLU B 194 -19.62 -10.80 -3.21
N GLN B 195 -18.70 -10.16 -3.92
CA GLN B 195 -18.71 -10.03 -5.38
C GLN B 195 -18.97 -11.34 -6.15
N ASN B 196 -18.27 -12.40 -5.77
CA ASN B 196 -18.40 -13.71 -6.40
C ASN B 196 -18.21 -14.74 -5.30
N LEU B 197 -19.30 -15.35 -4.84
CA LEU B 197 -19.22 -16.33 -3.77
C LEU B 197 -18.65 -17.67 -4.22
N SER B 198 -18.91 -18.03 -5.48
CA SER B 198 -18.41 -19.29 -6.04
C SER B 198 -16.90 -19.16 -6.12
N ARG B 199 -16.45 -18.04 -6.69
CA ARG B 199 -15.02 -17.78 -6.82
C ARG B 199 -14.39 -17.61 -5.44
N THR B 200 -14.90 -16.66 -4.66
CA THR B 200 -14.39 -16.39 -3.32
C THR B 200 -14.15 -17.63 -2.47
N PHE B 201 -15.11 -18.56 -2.48
CA PHE B 201 -14.96 -19.78 -1.70
C PHE B 201 -14.14 -20.86 -2.38
N LYS B 202 -14.15 -20.86 -3.71
CA LYS B 202 -13.38 -21.85 -4.47
C LYS B 202 -11.91 -21.46 -4.37
N SER B 203 -11.67 -20.15 -4.33
CA SER B 203 -10.33 -19.60 -4.23
C SER B 203 -9.77 -19.80 -2.83
N LEU B 204 -10.64 -19.74 -1.83
CA LEU B 204 -10.20 -19.91 -0.45
C LEU B 204 -9.98 -21.34 -0.02
N PHE B 205 -11.03 -22.16 -0.08
CA PHE B 205 -10.94 -23.56 0.32
C PHE B 205 -10.02 -24.36 -0.61
N ARG B 206 -8.74 -24.39 -0.26
CA ARG B 206 -7.76 -25.09 -1.05
C ARG B 206 -6.61 -25.57 -0.18
N ALA B 207 -5.99 -26.67 -0.60
CA ALA B 207 -4.86 -27.23 0.13
C ALA B 207 -3.72 -26.24 -0.15
N SER B 208 -2.68 -26.26 0.68
CA SER B 208 -1.54 -25.35 0.51
C SER B 208 -0.90 -25.39 -0.88
N ASP B 209 -0.59 -26.60 -1.36
CA ASP B 209 0.02 -26.75 -2.68
C ASP B 209 -0.85 -26.20 -3.82
N GLU B 210 -2.14 -26.00 -3.56
CA GLU B 210 -3.06 -25.48 -4.58
C GLU B 210 -3.44 -24.01 -4.37
N SER B 211 -2.69 -23.29 -3.54
CA SER B 211 -2.94 -21.87 -3.25
C SER B 211 -3.17 -20.98 -4.49
N VAL B 212 -3.43 -19.71 -4.22
CA VAL B 212 -3.68 -18.68 -5.23
C VAL B 212 -3.59 -17.32 -4.55
N LEU B 213 -3.95 -17.30 -3.26
CA LEU B 213 -3.94 -16.09 -2.45
C LEU B 213 -2.58 -15.55 -2.05
N SER B 214 -2.35 -14.30 -2.40
CA SER B 214 -1.11 -13.60 -2.11
C SER B 214 -1.20 -12.83 -0.81
N MET B 215 -1.06 -13.54 0.31
CA MET B 215 -1.12 -12.92 1.63
C MET B 215 0.29 -12.37 1.85
N HIS B 216 0.66 -11.43 0.96
CA HIS B 216 1.96 -10.77 0.98
C HIS B 216 1.68 -9.29 1.19
N LYS B 217 1.11 -8.69 0.15
CA LYS B 217 0.76 -7.27 0.14
C LYS B 217 -0.67 -7.20 -0.40
N VAL B 218 -1.63 -7.45 0.48
CA VAL B 218 -3.04 -7.43 0.12
C VAL B 218 -3.57 -6.01 -0.09
N CYS B 219 -2.98 -5.05 0.64
CA CYS B 219 -3.38 -3.64 0.55
C CYS B 219 -2.81 -2.95 -0.69
N GLU B 220 -1.56 -3.26 -1.00
CA GLU B 220 -0.87 -2.68 -2.16
C GLU B 220 -1.50 -3.24 -3.43
N ALA B 221 -1.92 -4.51 -3.36
CA ALA B 221 -2.54 -5.19 -4.49
C ALA B 221 -3.94 -4.66 -4.75
N GLY B 222 -4.56 -4.07 -3.71
CA GLY B 222 -5.91 -3.54 -3.86
C GLY B 222 -6.94 -4.64 -3.82
N GLY B 223 -6.76 -5.56 -2.86
CA GLY B 223 -7.67 -6.67 -2.70
C GLY B 223 -6.94 -7.96 -2.37
N LEU B 224 -7.70 -9.02 -2.12
CA LEU B 224 -7.13 -10.32 -1.77
C LEU B 224 -7.29 -11.32 -2.92
N PHE B 225 -8.03 -10.91 -3.95
CA PHE B 225 -8.27 -11.77 -5.11
C PHE B 225 -7.78 -11.16 -6.42
N VAL B 226 -7.39 -9.90 -6.39
CA VAL B 226 -6.91 -9.19 -7.58
C VAL B 226 -5.82 -9.97 -8.34
N ASN B 227 -5.01 -10.70 -7.58
CA ASN B 227 -3.93 -11.50 -8.13
C ASN B 227 -4.33 -12.98 -8.11
N SER B 228 -5.43 -13.31 -8.79
CA SER B 228 -5.92 -14.69 -8.83
C SER B 228 -6.83 -14.94 -10.03
N PRO B 229 -6.97 -16.21 -10.44
CA PRO B 229 -7.82 -16.57 -11.58
C PRO B 229 -9.30 -16.27 -11.35
N GLU B 230 -9.97 -15.77 -12.39
CA GLU B 230 -11.39 -15.44 -12.31
C GLU B 230 -12.25 -16.68 -12.11
N GLU B 231 -11.72 -17.82 -12.57
CA GLU B 231 -12.43 -19.08 -12.47
C GLU B 231 -11.52 -20.17 -11.91
N PRO B 232 -11.08 -20.04 -10.64
CA PRO B 232 -10.21 -21.06 -10.04
C PRO B 232 -10.84 -22.45 -10.14
N SER B 233 -9.99 -23.47 -10.10
CA SER B 233 -10.46 -24.84 -10.18
C SER B 233 -11.05 -25.33 -8.85
N LEU B 234 -11.64 -26.51 -8.88
CA LEU B 234 -12.24 -27.12 -7.71
C LEU B 234 -11.20 -27.89 -6.92
N SER B 235 -10.80 -27.34 -5.78
CA SER B 235 -9.81 -27.97 -4.90
C SER B 235 -10.09 -29.46 -4.70
N ARG B 236 -9.03 -30.25 -4.49
CA ARG B 236 -9.19 -31.68 -4.28
C ARG B 236 -9.88 -31.98 -2.95
N MET B 237 -9.94 -30.98 -2.08
CA MET B 237 -10.57 -31.11 -0.77
C MET B 237 -12.09 -31.04 -0.82
N VAL B 238 -12.61 -30.06 -1.53
CA VAL B 238 -14.06 -29.87 -1.65
C VAL B 238 -14.71 -30.12 -2.99
N THR B 239 -15.98 -30.52 -2.95
CA THR B 239 -16.75 -30.79 -4.16
C THR B 239 -17.48 -29.49 -4.56
N GLU B 240 -18.18 -29.54 -5.69
CA GLU B 240 -18.91 -28.38 -6.19
C GLU B 240 -20.08 -28.07 -5.26
N GLU B 241 -20.79 -29.14 -4.86
CA GLU B 241 -21.94 -29.04 -3.96
C GLU B 241 -21.60 -28.38 -2.63
N GLU B 242 -20.49 -28.79 -2.04
CA GLU B 242 -20.05 -28.22 -0.77
C GLU B 242 -19.80 -26.73 -0.92
N ILE B 243 -19.22 -26.33 -2.06
CA ILE B 243 -18.94 -24.92 -2.32
C ILE B 243 -20.27 -24.20 -2.49
N GLN B 244 -21.25 -24.87 -3.11
CA GLN B 244 -22.55 -24.25 -3.31
C GLN B 244 -23.28 -24.05 -1.98
N PHE B 245 -22.96 -24.90 -0.99
CA PHE B 245 -23.60 -24.78 0.32
C PHE B 245 -23.10 -23.53 1.02
N TYR B 246 -21.78 -23.32 0.99
CA TYR B 246 -21.17 -22.14 1.62
C TYR B 246 -21.56 -20.88 0.85
N VAL B 247 -22.04 -21.05 -0.37
CA VAL B 247 -22.44 -19.93 -1.19
C VAL B 247 -23.81 -19.46 -0.75
N GLN B 248 -24.75 -20.39 -0.65
CA GLN B 248 -26.11 -20.07 -0.23
C GLN B 248 -26.11 -19.59 1.22
N GLN B 249 -25.15 -20.05 2.00
CA GLN B 249 -25.06 -19.67 3.40
C GLN B 249 -24.76 -18.19 3.59
N PHE B 250 -23.80 -17.67 2.83
CA PHE B 250 -23.44 -16.27 2.93
C PHE B 250 -24.32 -15.33 2.11
N LYS B 251 -25.37 -15.88 1.50
CA LYS B 251 -26.29 -15.10 0.69
C LYS B 251 -27.29 -14.36 1.58
N LYS B 252 -27.24 -14.68 2.88
CA LYS B 252 -28.12 -14.06 3.86
C LYS B 252 -27.41 -12.86 4.51
N SER B 253 -26.67 -13.14 5.57
CA SER B 253 -25.92 -12.13 6.31
C SER B 253 -24.82 -11.46 5.48
N GLY B 254 -24.15 -12.25 4.64
CA GLY B 254 -23.08 -11.72 3.84
C GLY B 254 -21.77 -11.86 4.60
N PHE B 255 -20.92 -10.84 4.54
CA PHE B 255 -19.64 -10.90 5.22
C PHE B 255 -19.40 -9.88 6.31
N ARG B 256 -20.19 -8.81 6.38
CA ARG B 256 -19.98 -7.79 7.41
C ARG B 256 -19.83 -8.33 8.83
N GLY B 257 -20.68 -9.29 9.17
CA GLY B 257 -20.62 -9.91 10.47
C GLY B 257 -19.34 -10.67 10.64
N PRO B 258 -19.08 -11.69 9.80
CA PRO B 258 -17.88 -12.53 9.81
C PRO B 258 -16.60 -11.71 9.86
N LEU B 259 -16.60 -10.60 9.13
CA LEU B 259 -15.44 -9.71 9.07
C LEU B 259 -15.29 -8.86 10.33
N ASN B 260 -16.41 -8.53 10.98
CA ASN B 260 -16.39 -7.72 12.19
C ASN B 260 -15.54 -8.31 13.33
N TRP B 261 -15.36 -9.64 13.34
CA TRP B 261 -14.56 -10.31 14.38
C TRP B 261 -13.17 -9.68 14.43
N TYR B 262 -12.65 -9.38 13.25
CA TYR B 262 -11.33 -8.77 13.06
C TYR B 262 -11.26 -7.29 13.46
N ARG B 263 -12.41 -6.63 13.45
CA ARG B 263 -12.53 -5.22 13.79
C ARG B 263 -12.58 -4.73 15.25
N ASN B 264 -12.44 -5.62 16.22
CA ASN B 264 -12.48 -5.21 17.63
C ASN B 264 -11.16 -5.46 18.35
N MET B 265 -10.05 -5.11 17.72
CA MET B 265 -8.75 -5.34 18.36
C MET B 265 -8.44 -4.58 19.63
N GLU B 266 -8.83 -3.32 19.71
CA GLU B 266 -8.56 -2.53 20.92
C GLU B 266 -9.26 -3.16 22.12
N ARG B 267 -10.54 -3.50 21.94
CA ARG B 267 -11.33 -4.10 22.99
C ARG B 267 -10.77 -5.45 23.43
N ASN B 268 -10.55 -6.34 22.47
CA ASN B 268 -10.01 -7.67 22.76
C ASN B 268 -8.68 -7.59 23.48
N TRP B 269 -7.95 -6.50 23.27
CA TRP B 269 -6.66 -6.31 23.89
C TRP B 269 -6.85 -6.00 25.37
N LYS B 270 -7.59 -4.93 25.65
CA LYS B 270 -7.84 -4.52 27.04
C LYS B 270 -8.52 -5.62 27.83
N TRP B 271 -9.58 -6.19 27.26
CA TRP B 271 -10.32 -7.26 27.91
C TRP B 271 -9.41 -8.42 28.31
N ALA B 272 -8.45 -8.73 27.44
CA ALA B 272 -7.51 -9.83 27.69
C ALA B 272 -6.45 -9.49 28.73
N CYS B 273 -6.25 -8.20 28.96
CA CYS B 273 -5.25 -7.75 29.94
C CYS B 273 -5.83 -7.96 31.34
N LYS B 274 -7.16 -8.05 31.41
CA LYS B 274 -7.87 -8.25 32.66
C LYS B 274 -7.81 -9.74 33.04
N SER B 275 -6.60 -10.23 33.28
CA SER B 275 -6.38 -11.62 33.65
C SER B 275 -4.90 -11.88 33.90
N LEU B 276 -4.06 -11.03 33.31
CA LEU B 276 -2.60 -11.09 33.42
C LEU B 276 -1.99 -12.44 33.81
N GLY B 277 -1.59 -12.57 35.08
CA GLY B 277 -0.96 -13.80 35.54
C GLY B 277 -1.83 -15.03 35.69
N ARG B 278 -2.86 -15.12 34.84
CA ARG B 278 -3.78 -16.24 34.84
C ARG B 278 -3.36 -17.30 33.85
N LYS B 279 -3.59 -18.57 34.20
CA LYS B 279 -3.23 -19.69 33.34
C LYS B 279 -4.39 -20.67 33.14
N ILE B 280 -4.45 -21.30 31.96
CA ILE B 280 -5.52 -22.26 31.65
C ILE B 280 -5.09 -23.54 32.35
N LEU B 281 -5.88 -23.98 33.34
CA LEU B 281 -5.54 -25.20 34.07
C LEU B 281 -6.37 -26.43 33.75
N ILE B 282 -7.29 -26.30 32.80
CA ILE B 282 -8.14 -27.41 32.41
C ILE B 282 -7.45 -28.19 31.28
N PRO B 283 -7.81 -29.46 31.08
CA PRO B 283 -7.20 -30.26 30.01
C PRO B 283 -7.26 -29.54 28.65
N ALA B 284 -6.09 -29.19 28.12
CA ALA B 284 -6.02 -28.50 26.84
C ALA B 284 -5.21 -29.25 25.80
N LEU B 285 -5.63 -29.11 24.54
CA LEU B 285 -4.98 -29.76 23.41
C LEU B 285 -4.84 -28.79 22.22
N MET B 286 -3.60 -28.53 21.82
CA MET B 286 -3.30 -27.64 20.70
C MET B 286 -2.90 -28.48 19.47
N VAL B 287 -3.63 -28.28 18.37
CA VAL B 287 -3.37 -29.01 17.14
C VAL B 287 -2.74 -28.14 16.05
N THR B 288 -1.43 -28.30 15.86
CA THR B 288 -0.70 -27.53 14.86
C THR B 288 -0.77 -28.20 13.48
N ALA B 289 -0.94 -27.38 12.43
CA ALA B 289 -1.03 -27.87 11.05
C ALA B 289 0.18 -27.37 10.26
N GLU B 290 1.15 -28.27 10.03
CA GLU B 290 2.39 -27.98 9.30
C GLU B 290 2.39 -26.99 8.13
N LYS B 291 1.49 -27.18 7.16
CA LYS B 291 1.41 -26.31 6.00
C LYS B 291 0.60 -25.01 6.09
N ASP B 292 0.09 -24.67 7.28
CA ASP B 292 -0.70 -23.45 7.48
C ASP B 292 0.29 -22.29 7.55
N PHE B 293 0.18 -21.35 6.63
CA PHE B 293 1.08 -20.20 6.61
C PHE B 293 0.65 -18.99 7.44
N VAL B 294 -0.65 -18.83 7.68
CA VAL B 294 -1.12 -17.70 8.48
C VAL B 294 -0.98 -18.05 9.96
N LEU B 295 -1.35 -19.28 10.31
CA LEU B 295 -1.27 -19.78 11.68
C LEU B 295 -0.22 -20.89 11.72
N VAL B 296 1.04 -20.47 11.59
CA VAL B 296 2.18 -21.37 11.61
C VAL B 296 2.32 -22.06 12.96
N PRO B 297 2.57 -23.38 12.95
CA PRO B 297 2.76 -24.21 14.13
C PRO B 297 3.78 -23.73 15.15
N GLN B 298 4.65 -22.80 14.75
CA GLN B 298 5.66 -22.29 15.67
C GLN B 298 5.14 -21.19 16.58
N MET B 299 3.94 -20.69 16.31
CA MET B 299 3.35 -19.63 17.14
C MET B 299 2.94 -20.22 18.48
N SER B 300 2.66 -21.51 18.49
CA SER B 300 2.25 -22.22 19.70
C SER B 300 3.41 -22.73 20.53
N GLN B 301 4.62 -22.54 20.03
CA GLN B 301 5.83 -22.99 20.74
C GLN B 301 5.87 -22.92 22.26
N HIS B 302 5.70 -21.72 22.82
CA HIS B 302 5.72 -21.56 24.27
C HIS B 302 4.44 -21.72 25.08
N MET B 303 3.39 -22.25 24.43
CA MET B 303 2.10 -22.45 25.09
C MET B 303 2.22 -23.30 26.36
N GLU B 304 3.11 -24.28 26.34
CA GLU B 304 3.37 -25.19 27.47
C GLU B 304 3.43 -24.48 28.83
N ASP B 305 3.96 -23.26 28.83
CA ASP B 305 4.09 -22.48 30.05
C ASP B 305 2.74 -22.10 30.69
N TRP B 306 1.94 -21.31 29.97
CA TRP B 306 0.62 -20.86 30.45
C TRP B 306 -0.39 -21.99 30.63
N ILE B 307 -0.12 -23.16 30.03
CA ILE B 307 -1.02 -24.30 30.13
C ILE B 307 -0.28 -25.56 30.58
N PRO B 308 -0.07 -25.70 31.91
CA PRO B 308 0.64 -26.84 32.52
C PRO B 308 -0.04 -28.19 32.24
N HIS B 309 -1.27 -28.15 31.74
CA HIS B 309 -2.02 -29.35 31.42
C HIS B 309 -2.26 -29.39 29.92
N LEU B 310 -1.17 -29.22 29.16
CA LEU B 310 -1.26 -29.23 27.71
C LEU B 310 -0.75 -30.51 27.05
N LYS B 311 -1.53 -30.97 26.07
CA LYS B 311 -1.23 -32.16 25.29
C LYS B 311 -1.12 -31.65 23.87
N ARG B 312 -0.19 -32.20 23.10
CA ARG B 312 -0.02 -31.75 21.73
C ARG B 312 -0.54 -32.63 20.61
N GLY B 313 -0.76 -31.98 19.46
CA GLY B 313 -1.24 -32.64 18.27
C GLY B 313 -0.63 -31.91 17.10
N HIS B 314 -0.37 -32.64 16.02
CA HIS B 314 0.24 -32.07 14.83
C HIS B 314 -0.15 -32.92 13.65
N ILE B 315 -0.58 -32.26 12.58
CA ILE B 315 -1.00 -32.93 11.36
C ILE B 315 -0.13 -32.53 10.17
N GLU B 316 0.53 -33.54 9.60
CA GLU B 316 1.43 -33.37 8.47
C GLU B 316 0.66 -33.17 7.16
N ASP B 317 1.20 -32.31 6.30
CA ASP B 317 0.60 -32.00 5.00
C ASP B 317 -0.79 -31.36 5.14
N CYS B 318 -1.02 -30.68 6.27
CA CYS B 318 -2.29 -30.02 6.53
C CYS B 318 -2.22 -28.52 6.37
N GLY B 319 -3.15 -27.99 5.57
CA GLY B 319 -3.23 -26.56 5.34
C GLY B 319 -4.04 -25.87 6.43
N HIS B 320 -4.53 -24.68 6.13
CA HIS B 320 -5.32 -23.91 7.08
C HIS B 320 -6.70 -24.49 7.37
N TRP B 321 -7.36 -24.98 6.34
CA TRP B 321 -8.69 -25.56 6.47
C TRP B 321 -8.64 -26.97 7.03
N THR B 322 -7.91 -27.11 8.13
CA THR B 322 -7.70 -28.36 8.86
C THR B 322 -8.70 -29.51 8.77
N GLN B 323 -9.99 -29.22 8.90
CA GLN B 323 -11.02 -30.28 8.84
C GLN B 323 -11.25 -30.85 7.44
N MET B 324 -11.32 -29.98 6.44
CA MET B 324 -11.54 -30.39 5.06
C MET B 324 -10.28 -31.07 4.50
N ASP B 325 -9.13 -30.51 4.86
CA ASP B 325 -7.84 -31.01 4.41
C ASP B 325 -7.51 -32.43 4.86
N LYS B 326 -7.42 -32.64 6.17
CA LYS B 326 -7.10 -33.96 6.69
C LYS B 326 -8.12 -34.51 7.70
N PRO B 327 -9.39 -34.65 7.27
CA PRO B 327 -10.48 -35.16 8.12
C PRO B 327 -10.23 -36.45 8.89
N THR B 328 -9.52 -37.42 8.30
CA THR B 328 -9.26 -38.67 9.01
C THR B 328 -8.22 -38.50 10.12
N GLU B 329 -7.29 -37.57 9.93
CA GLU B 329 -6.27 -37.33 10.93
C GLU B 329 -6.90 -36.63 12.13
N VAL B 330 -7.61 -35.52 11.86
CA VAL B 330 -8.28 -34.73 12.88
C VAL B 330 -9.18 -35.58 13.80
N ASN B 331 -10.01 -36.42 13.19
CA ASN B 331 -10.90 -37.28 13.95
C ASN B 331 -10.16 -38.30 14.79
N GLN B 332 -8.96 -38.66 14.36
CA GLN B 332 -8.18 -39.64 15.10
C GLN B 332 -7.63 -38.95 16.35
N ILE B 333 -7.05 -37.76 16.19
CA ILE B 333 -6.48 -37.00 17.30
C ILE B 333 -7.54 -36.53 18.30
N LEU B 334 -8.60 -35.91 17.78
CA LEU B 334 -9.69 -35.42 18.62
C LEU B 334 -10.27 -36.53 19.49
N ILE B 335 -10.79 -37.59 18.87
CA ILE B 335 -11.37 -38.71 19.60
C ILE B 335 -10.46 -39.31 20.67
N LYS B 336 -9.21 -39.57 20.30
CA LYS B 336 -8.22 -40.15 21.21
C LYS B 336 -8.01 -39.27 22.44
N TRP B 337 -8.02 -37.96 22.23
CA TRP B 337 -7.83 -37.00 23.30
C TRP B 337 -9.06 -36.85 24.20
N LEU B 338 -10.25 -36.86 23.59
CA LEU B 338 -11.47 -36.71 24.36
C LEU B 338 -11.64 -37.87 25.34
N ASP B 339 -11.53 -39.09 24.82
CA ASP B 339 -11.67 -40.29 25.64
C ASP B 339 -10.73 -40.43 26.83
N SER B 340 -9.63 -39.70 26.84
CA SER B 340 -8.68 -39.80 27.95
C SER B 340 -8.70 -38.60 28.89
N ASP B 341 -8.60 -37.39 28.33
CA ASP B 341 -8.60 -36.16 29.12
C ASP B 341 -9.98 -35.53 29.39
N ALA B 342 -10.81 -35.42 28.34
CA ALA B 342 -12.14 -34.84 28.47
C ALA B 342 -13.13 -35.76 29.18
N ARG B 343 -13.49 -36.85 28.51
CA ARG B 343 -14.43 -37.86 29.02
C ARG B 343 -14.35 -38.10 30.52
N ASN B 344 -13.16 -37.95 31.08
CA ASN B 344 -12.89 -38.13 32.51
C ASN B 344 -12.73 -39.61 32.86
#